data_1WZN
#
_entry.id   1WZN
#
_cell.length_a   108.357
_cell.length_b   132.011
_cell.length_c   145.991
_cell.angle_alpha   90.00
_cell.angle_beta   90.00
_cell.angle_gamma   90.00
#
_symmetry.space_group_name_H-M   'C 2 2 21'
#
loop_
_entity.id
_entity.type
_entity.pdbx_description
1 polymer 'SAM-dependent methyltransferase'
2 non-polymer 'SULFATE ION'
3 non-polymer 'MAGNESIUM ION'
4 non-polymer S-ADENOSYL-L-HOMOCYSTEINE
5 water water
#
_entity_poly.entity_id   1
_entity_poly.type   'polypeptide(L)'
_entity_poly.pdbx_seq_one_letter_code
;MYELYTLLAEYYDTIYRRRIERVKAEIDFVEEIFKEDAKREVRRVLDLACGTGIPTLELAERGYEVVGLDLHEEMLRVAR
RKAKERNLKIEFLQGDVLEIAFKNEFDAVTMFFSTIMYFDEEDLRKLFSKVAEALKPGGVFITDFPCWFYGGRDGPVVWN
EQKGEEKLVIMDWREVEPAVQKLRFKRLVQILRPNGEVKAFLVDDELNIYTPREVRLLAEKYFEKVKIYGNLKRELSPND
MRYWIVGIAKSF
;
_entity_poly.pdbx_strand_id   A,B,C
#
# COMPACT_ATOMS: atom_id res chain seq x y z
N MET A 1 2.06 15.89 13.87
CA MET A 1 1.88 14.90 14.96
C MET A 1 0.51 15.06 15.62
N TYR A 2 0.08 14.02 16.34
CA TYR A 2 -1.20 14.01 17.04
C TYR A 2 -2.44 14.02 16.15
N GLU A 3 -2.26 13.81 14.84
CA GLU A 3 -3.41 13.79 13.92
C GLU A 3 -4.46 12.79 14.38
N LEU A 4 -4.01 11.70 14.97
CA LEU A 4 -4.91 10.64 15.45
C LEU A 4 -5.79 11.08 16.61
N TYR A 5 -5.31 12.07 17.37
CA TYR A 5 -6.02 12.54 18.56
C TYR A 5 -6.80 13.84 18.39
N THR A 6 -6.73 14.40 17.19
CA THR A 6 -7.44 15.63 16.89
C THR A 6 -8.44 15.41 15.75
N LEU A 7 -7.92 15.47 14.51
CA LEU A 7 -8.82 15.31 13.37
C LEU A 7 -9.45 13.91 13.31
N LEU A 8 -8.72 12.89 13.83
CA LEU A 8 -9.25 11.52 13.76
C LEU A 8 -9.84 11.06 15.10
N ALA A 9 -9.96 11.96 16.07
CA ALA A 9 -10.48 11.58 17.39
C ALA A 9 -11.79 10.79 17.36
N GLU A 10 -12.77 11.28 16.61
CA GLU A 10 -14.06 10.60 16.54
C GLU A 10 -13.98 9.21 15.90
N TYR A 11 -12.84 8.87 15.31
CA TYR A 11 -12.65 7.56 14.69
C TYR A 11 -11.73 6.67 15.51
N TYR A 12 -11.17 7.21 16.58
CA TYR A 12 -10.25 6.44 17.42
C TYR A 12 -10.83 5.11 17.91
N ASP A 13 -12.04 5.13 18.47
CA ASP A 13 -12.66 3.91 18.97
C ASP A 13 -12.95 2.91 17.86
N THR A 14 -13.16 3.41 16.65
CA THR A 14 -13.43 2.55 15.50
C THR A 14 -12.13 1.86 15.10
N ILE A 15 -11.08 2.67 14.97
CA ILE A 15 -9.77 2.17 14.60
C ILE A 15 -9.32 1.14 15.64
N TYR A 16 -9.60 1.40 16.91
CA TYR A 16 -9.13 0.47 17.93
C TYR A 16 -10.26 -0.37 18.54
N ARG A 17 -11.12 -0.90 17.64
CA ARG A 17 -12.22 -1.75 18.10
C ARG A 17 -11.70 -2.95 18.90
N ARG A 18 -10.56 -3.49 18.44
CA ARG A 18 -9.99 -4.67 19.10
C ARG A 18 -9.53 -4.35 20.53
N ARG A 19 -8.83 -3.21 20.66
CA ARG A 19 -8.38 -2.81 21.99
C ARG A 19 -9.53 -2.74 22.98
N ILE A 20 -10.70 -2.30 22.46
CA ILE A 20 -11.87 -2.16 23.33
C ILE A 20 -12.46 -3.52 23.70
N GLU A 21 -12.43 -4.45 22.72
CA GLU A 21 -13.06 -5.74 22.94
C GLU A 21 -12.39 -6.53 24.07
N ARG A 22 -11.13 -6.15 24.39
CA ARG A 22 -10.42 -6.88 25.42
C ARG A 22 -10.03 -6.00 26.61
N VAL A 23 -10.67 -4.85 26.76
CA VAL A 23 -10.36 -3.97 27.88
C VAL A 23 -10.69 -4.63 29.22
N LYS A 24 -11.71 -5.49 29.23
CA LYS A 24 -12.11 -6.15 30.47
C LYS A 24 -11.03 -7.10 30.98
N ALA A 25 -10.37 -7.80 30.07
CA ALA A 25 -9.30 -8.71 30.49
C ALA A 25 -8.12 -7.89 31.01
N GLU A 26 -7.87 -6.73 30.40
CA GLU A 26 -6.77 -5.88 30.83
C GLU A 26 -7.03 -5.29 32.21
N ILE A 27 -8.24 -4.85 32.48
CA ILE A 27 -8.50 -4.28 33.80
C ILE A 27 -8.55 -5.37 34.87
N ASP A 28 -8.84 -6.60 34.47
CA ASP A 28 -8.82 -7.72 35.43
C ASP A 28 -7.38 -7.82 35.92
N PHE A 29 -6.43 -7.72 34.99
CA PHE A 29 -5.01 -7.80 35.32
C PHE A 29 -4.62 -6.60 36.19
N VAL A 30 -5.10 -5.42 35.83
CA VAL A 30 -4.80 -4.22 36.59
C VAL A 30 -5.28 -4.37 38.04
N GLU A 31 -6.48 -4.93 38.23
CA GLU A 31 -6.98 -5.11 39.59
C GLU A 31 -6.15 -6.12 40.37
N GLU A 32 -5.58 -7.10 39.67
CA GLU A 32 -4.74 -8.08 40.36
C GLU A 32 -3.50 -7.34 40.84
N ILE A 33 -3.00 -6.39 40.04
CA ILE A 33 -1.84 -5.62 40.44
C ILE A 33 -2.20 -4.78 41.68
N PHE A 34 -3.37 -4.15 41.66
CA PHE A 34 -3.81 -3.35 42.81
C PHE A 34 -3.84 -4.21 44.07
N LYS A 35 -4.38 -5.40 43.94
CA LYS A 35 -4.50 -6.32 45.06
C LYS A 35 -3.19 -6.91 45.59
N GLU A 36 -2.31 -7.32 44.68
CA GLU A 36 -1.06 -7.95 45.06
C GLU A 36 0.18 -7.05 45.16
N ASP A 37 0.25 -6.01 44.33
CA ASP A 37 1.42 -5.14 44.36
C ASP A 37 1.30 -3.87 45.18
N ALA A 38 0.13 -3.25 45.18
CA ALA A 38 -0.06 -2.03 45.95
C ALA A 38 0.03 -2.34 47.44
N LYS A 39 0.44 -1.35 48.23
CA LYS A 39 0.56 -1.54 49.66
C LYS A 39 -0.48 -0.68 50.38
N ARG A 40 -1.60 -0.46 49.70
CA ARG A 40 -2.69 0.33 50.25
C ARG A 40 -3.92 -0.03 49.44
N GLU A 41 -5.10 0.24 49.99
CA GLU A 41 -6.33 -0.04 49.28
C GLU A 41 -6.40 0.96 48.12
N VAL A 42 -6.76 0.48 46.94
CA VAL A 42 -6.84 1.36 45.79
C VAL A 42 -8.28 1.76 45.50
N ARG A 43 -8.55 3.06 45.58
CA ARG A 43 -9.88 3.60 45.34
C ARG A 43 -9.87 4.72 44.30
N ARG A 44 -8.94 5.66 44.46
CA ARG A 44 -8.83 6.80 43.56
C ARG A 44 -7.65 6.63 42.59
N VAL A 45 -7.97 6.68 41.30
CA VAL A 45 -6.98 6.46 40.24
C VAL A 45 -6.87 7.65 39.30
N LEU A 46 -5.64 8.00 38.92
CA LEU A 46 -5.37 9.07 37.97
C LEU A 46 -4.96 8.36 36.69
N ASP A 47 -5.72 8.51 35.62
CA ASP A 47 -5.39 7.86 34.36
C ASP A 47 -4.83 8.93 33.41
N LEU A 48 -3.50 8.91 33.25
CA LEU A 48 -2.79 9.87 32.40
C LEU A 48 -2.85 9.55 30.91
N ALA A 49 -3.02 10.59 30.10
CA ALA A 49 -3.15 10.45 28.63
C ALA A 49 -4.27 9.45 28.40
N CYS A 50 -5.43 9.73 29.01
CA CYS A 50 -6.59 8.85 28.96
C CYS A 50 -7.30 8.69 27.62
N GLY A 51 -7.00 9.54 26.65
CA GLY A 51 -7.65 9.45 25.35
C GLY A 51 -9.17 9.45 25.44
N THR A 52 -9.81 8.55 24.68
CA THR A 52 -11.27 8.43 24.69
C THR A 52 -11.77 7.69 25.93
N GLY A 53 -10.84 7.42 26.85
CA GLY A 53 -11.20 6.77 28.10
C GLY A 53 -11.59 5.31 28.09
N ILE A 54 -11.09 4.54 27.12
CA ILE A 54 -11.39 3.12 27.03
C ILE A 54 -11.17 2.41 28.36
N PRO A 55 -9.93 2.40 28.88
CA PRO A 55 -9.77 1.71 30.17
C PRO A 55 -10.30 2.55 31.35
N THR A 56 -10.36 3.87 31.15
CA THR A 56 -10.85 4.79 32.17
C THR A 56 -12.28 4.44 32.60
N LEU A 57 -13.16 4.29 31.62
CA LEU A 57 -14.56 3.94 31.88
C LEU A 57 -14.69 2.54 32.46
N GLU A 58 -13.85 1.61 32.02
CA GLU A 58 -13.91 0.25 32.55
C GLU A 58 -13.58 0.28 34.05
N LEU A 59 -12.56 1.05 34.42
CA LEU A 59 -12.18 1.18 35.83
C LEU A 59 -13.31 1.85 36.61
N ALA A 60 -13.92 2.88 36.03
CA ALA A 60 -15.02 3.58 36.70
C ALA A 60 -16.19 2.64 36.93
N GLU A 61 -16.51 1.85 35.91
CA GLU A 61 -17.62 0.90 35.99
C GLU A 61 -17.46 -0.03 37.18
N ARG A 62 -16.18 -0.26 37.57
CA ARG A 62 -15.91 -1.23 38.63
C ARG A 62 -15.85 -0.58 40.03
N GLY A 63 -16.08 0.75 40.07
CA GLY A 63 -16.25 1.41 41.37
C GLY A 63 -15.08 2.33 41.74
N TYR A 64 -14.05 2.39 40.91
CA TYR A 64 -12.94 3.28 41.20
C TYR A 64 -13.33 4.74 40.95
N GLU A 65 -12.75 5.64 41.73
CA GLU A 65 -12.98 7.08 41.58
C GLU A 65 -11.85 7.46 40.64
N VAL A 66 -12.18 7.75 39.39
CA VAL A 66 -11.15 8.04 38.40
C VAL A 66 -11.09 9.46 37.88
N VAL A 67 -9.87 9.95 37.69
CA VAL A 67 -9.62 11.27 37.12
C VAL A 67 -8.83 10.99 35.85
N GLY A 68 -9.32 11.45 34.70
CA GLY A 68 -8.61 11.22 33.45
C GLY A 68 -8.03 12.52 32.92
N LEU A 69 -6.79 12.48 32.46
CA LEU A 69 -6.13 13.68 31.93
C LEU A 69 -5.62 13.44 30.52
N ASP A 70 -5.89 14.38 29.62
CA ASP A 70 -5.38 14.23 28.26
C ASP A 70 -5.07 15.60 27.67
N LEU A 71 -4.06 15.62 26.81
CA LEU A 71 -3.63 16.84 26.16
C LEU A 71 -4.65 17.36 25.16
N HIS A 72 -5.38 16.45 24.53
CA HIS A 72 -6.34 16.85 23.51
C HIS A 72 -7.82 16.80 23.87
N GLU A 73 -8.44 17.97 23.79
CA GLU A 73 -9.86 18.13 24.08
C GLU A 73 -10.71 17.28 23.14
N GLU A 74 -10.22 17.07 21.92
CA GLU A 74 -10.97 16.26 20.95
C GLU A 74 -11.16 14.83 21.46
N MET A 75 -10.16 14.32 22.17
CA MET A 75 -10.24 12.96 22.71
C MET A 75 -11.16 12.96 23.94
N LEU A 76 -10.98 13.95 24.82
CA LEU A 76 -11.80 14.05 26.02
C LEU A 76 -13.28 14.20 25.67
N ARG A 77 -13.57 14.86 24.55
CA ARG A 77 -14.95 15.04 24.12
C ARG A 77 -15.63 13.69 24.00
N VAL A 78 -14.91 12.73 23.40
CA VAL A 78 -15.41 11.38 23.21
C VAL A 78 -15.56 10.67 24.55
N ALA A 79 -14.54 10.79 25.38
CA ALA A 79 -14.57 10.16 26.71
C ALA A 79 -15.78 10.63 27.53
N ARG A 80 -16.02 11.93 27.56
CA ARG A 80 -17.13 12.47 28.33
C ARG A 80 -18.47 12.02 27.79
N ARG A 81 -18.58 11.92 26.48
CA ARG A 81 -19.82 11.49 25.84
C ARG A 81 -20.15 10.06 26.27
N LYS A 82 -19.15 9.18 26.22
CA LYS A 82 -19.35 7.79 26.61
C LYS A 82 -19.64 7.66 28.10
N ALA A 83 -18.95 8.45 28.93
CA ALA A 83 -19.16 8.40 30.37
C ALA A 83 -20.60 8.79 30.69
N LYS A 84 -21.06 9.87 30.07
CA LYS A 84 -22.43 10.35 30.28
C LYS A 84 -23.44 9.28 29.85
N GLU A 85 -23.23 8.69 28.68
CA GLU A 85 -24.15 7.65 28.18
C GLU A 85 -24.21 6.44 29.10
N ARG A 86 -23.10 6.14 29.77
CA ARG A 86 -23.05 4.99 30.65
C ARG A 86 -23.28 5.34 32.12
N ASN A 87 -23.61 6.60 32.38
CA ASN A 87 -23.88 7.07 33.74
C ASN A 87 -22.68 6.87 34.68
N LEU A 88 -21.49 7.04 34.13
CA LEU A 88 -20.28 6.89 34.92
C LEU A 88 -19.78 8.28 35.27
N LYS A 89 -19.41 8.46 36.53
CA LYS A 89 -18.92 9.75 37.00
C LYS A 89 -17.40 9.75 37.02
N ILE A 90 -16.82 10.47 36.06
CA ILE A 90 -15.36 10.57 35.93
C ILE A 90 -15.00 12.02 35.71
N GLU A 91 -13.93 12.47 36.36
CA GLU A 91 -13.47 13.83 36.19
C GLU A 91 -12.43 13.83 35.07
N PHE A 92 -12.80 14.39 33.92
CA PHE A 92 -11.88 14.47 32.78
C PHE A 92 -11.27 15.87 32.72
N LEU A 93 -9.95 15.92 32.63
CA LEU A 93 -9.21 17.19 32.61
C LEU A 93 -8.29 17.28 31.40
N GLN A 94 -8.12 18.49 30.88
CA GLN A 94 -7.22 18.71 29.75
C GLN A 94 -5.92 19.21 30.33
N GLY A 95 -4.81 18.74 29.79
CA GLY A 95 -3.51 19.18 30.27
C GLY A 95 -2.41 18.24 29.83
N ASP A 96 -1.18 18.68 30.01
CA ASP A 96 0.01 17.92 29.65
C ASP A 96 0.40 17.08 30.88
N VAL A 97 0.63 15.79 30.69
CA VAL A 97 1.02 14.93 31.80
C VAL A 97 2.33 15.37 32.43
N LEU A 98 3.18 16.04 31.66
CA LEU A 98 4.47 16.50 32.20
C LEU A 98 4.31 17.72 33.11
N GLU A 99 3.10 18.25 33.19
CA GLU A 99 2.85 19.42 34.01
C GLU A 99 1.89 19.17 35.17
N ILE A 100 1.61 17.91 35.47
CA ILE A 100 0.69 17.64 36.58
C ILE A 100 1.34 18.13 37.88
N ALA A 101 0.51 18.49 38.84
CA ALA A 101 1.02 18.98 40.12
C ALA A 101 0.31 18.36 41.32
N PHE A 102 -0.25 17.17 41.11
CA PHE A 102 -0.95 16.48 42.19
C PHE A 102 0.06 16.10 43.25
N LYS A 103 -0.35 16.17 44.51
CA LYS A 103 0.56 15.84 45.60
C LYS A 103 0.04 14.76 46.51
N ASN A 104 0.62 13.56 46.38
CA ASN A 104 0.26 12.42 47.20
C ASN A 104 -1.24 12.31 47.41
N GLU A 105 -1.99 12.24 46.32
CA GLU A 105 -3.44 12.16 46.45
C GLU A 105 -4.13 11.06 45.65
N PHE A 106 -3.35 10.21 45.00
CA PHE A 106 -3.93 9.10 44.24
C PHE A 106 -3.38 7.77 44.74
N ASP A 107 -4.25 6.76 44.81
CA ASP A 107 -3.83 5.44 45.26
C ASP A 107 -3.09 4.74 44.14
N ALA A 108 -3.41 5.12 42.91
CA ALA A 108 -2.75 4.55 41.74
C ALA A 108 -2.77 5.53 40.59
N VAL A 109 -1.77 5.42 39.72
CA VAL A 109 -1.67 6.27 38.55
C VAL A 109 -1.45 5.29 37.40
N THR A 110 -2.18 5.47 36.31
CA THR A 110 -2.04 4.60 35.16
C THR A 110 -1.77 5.38 33.87
N MET A 111 -1.16 4.71 32.92
CA MET A 111 -0.90 5.28 31.60
C MET A 111 -1.00 4.07 30.70
N PHE A 112 -2.13 3.97 30.01
CA PHE A 112 -2.41 2.82 29.16
C PHE A 112 -2.16 2.96 27.67
N PHE A 113 -1.76 1.83 27.09
CA PHE A 113 -1.53 1.70 25.65
C PHE A 113 -0.33 2.38 25.01
N SER A 114 0.86 1.98 25.48
CA SER A 114 2.13 2.45 24.92
C SER A 114 2.44 3.93 24.90
N THR A 115 1.73 4.73 25.68
CA THR A 115 2.00 6.16 25.67
C THR A 115 3.37 6.63 26.15
N ILE A 116 4.09 5.81 26.92
CA ILE A 116 5.41 6.28 27.34
C ILE A 116 6.31 6.52 26.13
N MET A 117 5.97 5.90 25.00
CA MET A 117 6.77 6.03 23.79
C MET A 117 6.78 7.45 23.21
N TYR A 118 5.82 8.28 23.62
CA TYR A 118 5.78 9.65 23.13
C TYR A 118 6.83 10.52 23.81
N PHE A 119 7.46 10.00 24.87
CA PHE A 119 8.44 10.77 25.62
C PHE A 119 9.88 10.27 25.51
N ASP A 120 10.82 11.21 25.32
CA ASP A 120 12.22 10.82 25.25
C ASP A 120 12.72 10.57 26.67
N GLU A 121 13.99 10.19 26.82
CA GLU A 121 14.52 9.89 28.14
C GLU A 121 14.31 10.98 29.20
N GLU A 122 14.65 12.22 28.85
CA GLU A 122 14.51 13.33 29.79
C GLU A 122 13.05 13.54 30.22
N ASP A 123 12.14 13.53 29.26
CA ASP A 123 10.72 13.72 29.57
C ASP A 123 10.15 12.53 30.33
N LEU A 124 10.66 11.34 30.07
CA LEU A 124 10.17 10.15 30.75
C LEU A 124 10.57 10.24 32.23
N ARG A 125 11.80 10.72 32.50
CA ARG A 125 12.23 10.84 33.89
C ARG A 125 11.37 11.88 34.59
N LYS A 126 11.04 12.95 33.87
CA LYS A 126 10.21 14.01 34.43
C LYS A 126 8.83 13.46 34.76
N LEU A 127 8.30 12.63 33.85
CA LEU A 127 7.00 12.01 34.05
C LEU A 127 6.98 11.13 35.29
N PHE A 128 7.95 10.22 35.39
CA PHE A 128 8.02 9.31 36.52
C PHE A 128 8.14 10.09 37.83
N SER A 129 8.89 11.19 37.79
CA SER A 129 9.07 12.02 38.98
C SER A 129 7.73 12.62 39.41
N LYS A 130 6.97 13.14 38.45
CA LYS A 130 5.68 13.74 38.73
C LYS A 130 4.67 12.69 39.21
N VAL A 131 4.77 11.48 38.66
CA VAL A 131 3.87 10.40 39.05
C VAL A 131 4.15 10.00 40.51
N ALA A 132 5.43 9.88 40.85
CA ALA A 132 5.79 9.53 42.22
C ALA A 132 5.23 10.58 43.18
N GLU A 133 5.31 11.85 42.81
CA GLU A 133 4.80 12.92 43.65
C GLU A 133 3.28 12.89 43.79
N ALA A 134 2.60 12.32 42.80
CA ALA A 134 1.14 12.24 42.84
C ALA A 134 0.60 11.07 43.68
N LEU A 135 1.45 10.09 43.95
CA LEU A 135 1.03 8.90 44.69
C LEU A 135 1.03 8.94 46.21
N LYS A 136 0.05 8.27 46.80
CA LYS A 136 -0.06 8.15 48.25
C LYS A 136 0.94 7.04 48.59
N PRO A 137 1.43 7.00 49.85
CA PRO A 137 2.38 5.96 50.24
C PRO A 137 1.84 4.57 49.93
N GLY A 138 2.68 3.73 49.33
CA GLY A 138 2.25 2.39 49.00
C GLY A 138 1.41 2.31 47.73
N GLY A 139 1.16 3.45 47.10
CA GLY A 139 0.38 3.47 45.87
C GLY A 139 1.18 2.92 44.70
N VAL A 140 0.52 2.67 43.57
CA VAL A 140 1.22 2.12 42.41
C VAL A 140 1.03 2.86 41.09
N PHE A 141 2.06 2.79 40.25
CA PHE A 141 2.05 3.37 38.91
C PHE A 141 2.08 2.16 37.99
N ILE A 142 1.19 2.12 36.99
CA ILE A 142 1.12 1.01 36.05
C ILE A 142 1.07 1.53 34.62
N THR A 143 1.94 1.02 33.76
CA THR A 143 1.93 1.46 32.37
C THR A 143 2.40 0.30 31.49
N ASP A 144 1.79 0.18 30.31
CA ASP A 144 2.15 -0.89 29.38
C ASP A 144 2.74 -0.38 28.09
N PHE A 145 3.64 -1.17 27.50
CA PHE A 145 4.26 -0.79 26.25
C PHE A 145 4.65 -2.07 25.51
N PRO A 146 4.76 -2.00 24.18
CA PRO A 146 5.11 -3.18 23.37
C PRO A 146 6.58 -3.43 23.14
N CYS A 147 6.88 -4.62 22.63
CA CYS A 147 8.25 -5.01 22.34
C CYS A 147 8.81 -4.10 21.26
N GLY A 155 7.18 -3.91 5.23
CA GLY A 155 6.60 -2.80 4.49
C GLY A 155 5.28 -2.32 5.06
N PRO A 156 4.37 -1.80 4.21
CA PRO A 156 3.09 -1.32 4.70
C PRO A 156 2.10 -2.45 5.00
N VAL A 157 1.30 -2.25 6.05
CA VAL A 157 0.28 -3.21 6.46
C VAL A 157 -1.06 -2.51 6.27
N VAL A 158 -2.00 -3.18 5.60
CA VAL A 158 -3.31 -2.57 5.37
C VAL A 158 -4.43 -3.33 6.04
N TRP A 159 -5.38 -2.59 6.60
CA TRP A 159 -6.54 -3.19 7.25
C TRP A 159 -7.72 -2.22 7.18
N ASN A 160 -8.89 -2.67 7.65
CA ASN A 160 -10.07 -1.81 7.56
C ASN A 160 -11.04 -1.96 8.73
N GLU A 161 -11.80 -0.90 8.95
CA GLU A 161 -12.80 -0.85 10.01
C GLU A 161 -13.98 -0.07 9.45
N GLN A 162 -15.02 0.13 10.26
CA GLN A 162 -16.19 0.86 9.79
C GLN A 162 -16.93 1.58 10.91
N LYS A 163 -17.29 2.83 10.65
CA LYS A 163 -18.03 3.62 11.61
C LYS A 163 -19.29 4.10 10.91
N GLY A 164 -20.43 3.49 11.26
CA GLY A 164 -21.67 3.87 10.61
C GLY A 164 -21.60 3.52 9.14
N GLU A 165 -21.86 4.49 8.28
CA GLU A 165 -21.83 4.26 6.84
C GLU A 165 -20.45 4.50 6.24
N GLU A 166 -19.51 4.94 7.08
CA GLU A 166 -18.16 5.21 6.59
C GLU A 166 -17.21 4.03 6.78
N LYS A 167 -16.44 3.74 5.74
CA LYS A 167 -15.49 2.65 5.81
C LYS A 167 -14.10 3.22 5.89
N LEU A 168 -13.29 2.67 6.79
CA LEU A 168 -11.94 3.16 6.95
C LEU A 168 -10.93 2.15 6.44
N VAL A 169 -10.04 2.59 5.55
CA VAL A 169 -8.98 1.73 5.05
C VAL A 169 -7.73 2.36 5.63
N ILE A 170 -7.00 1.58 6.42
CA ILE A 170 -5.83 2.07 7.12
C ILE A 170 -4.55 1.39 6.67
N MET A 171 -3.54 2.21 6.37
CA MET A 171 -2.26 1.68 5.92
C MET A 171 -1.17 2.18 6.87
N ASP A 172 -0.48 1.24 7.51
CA ASP A 172 0.56 1.58 8.47
C ASP A 172 1.96 1.19 8.01
N TRP A 173 2.94 2.04 8.31
CA TRP A 173 4.31 1.74 7.99
C TRP A 173 5.20 2.51 8.95
N ARG A 174 6.41 2.02 9.16
CA ARG A 174 7.32 2.66 10.09
C ARG A 174 8.71 2.86 9.53
N GLU A 175 9.40 3.85 10.08
CA GLU A 175 10.76 4.18 9.71
C GLU A 175 11.51 4.26 11.03
N VAL A 176 12.45 3.35 11.23
CA VAL A 176 13.21 3.29 12.47
C VAL A 176 14.64 3.81 12.37
N GLU A 177 15.07 4.48 13.43
CA GLU A 177 16.43 5.02 13.55
C GLU A 177 16.94 4.39 14.85
N PRO A 178 17.51 3.18 14.75
CA PRO A 178 18.03 2.41 15.87
C PRO A 178 19.04 3.11 16.78
N ALA A 179 20.01 3.79 16.16
CA ALA A 179 21.06 4.48 16.91
C ALA A 179 20.51 5.39 18.00
N VAL A 180 19.53 6.22 17.63
CA VAL A 180 18.94 7.14 18.58
C VAL A 180 17.64 6.62 19.19
N GLN A 181 17.33 5.35 18.92
CA GLN A 181 16.12 4.73 19.46
C GLN A 181 14.85 5.53 19.18
N LYS A 182 14.69 5.90 17.90
CA LYS A 182 13.53 6.66 17.48
C LYS A 182 12.78 5.85 16.43
N LEU A 183 11.47 6.04 16.40
CA LEU A 183 10.62 5.36 15.44
C LEU A 183 9.64 6.38 14.90
N ARG A 184 9.43 6.37 13.58
CA ARG A 184 8.48 7.28 12.98
C ARG A 184 7.28 6.41 12.63
N PHE A 185 6.17 6.62 13.33
CA PHE A 185 4.96 5.85 13.10
C PHE A 185 4.06 6.58 12.13
N LYS A 186 3.82 5.98 10.98
CA LYS A 186 3.00 6.59 9.96
C LYS A 186 1.76 5.75 9.66
N ARG A 187 0.62 6.42 9.54
CA ARG A 187 -0.62 5.75 9.27
C ARG A 187 -1.52 6.61 8.38
N LEU A 188 -1.86 6.10 7.21
CA LEU A 188 -2.74 6.81 6.30
C LEU A 188 -4.13 6.27 6.55
N VAL A 189 -5.06 7.15 6.92
CA VAL A 189 -6.43 6.71 7.15
C VAL A 189 -7.32 7.31 6.06
N GLN A 190 -7.92 6.43 5.27
CA GLN A 190 -8.79 6.88 4.20
C GLN A 190 -10.23 6.58 4.65
N ILE A 191 -11.07 7.59 4.62
CA ILE A 191 -12.47 7.46 5.04
C ILE A 191 -13.36 7.50 3.81
N LEU A 192 -13.95 6.34 3.49
CA LEU A 192 -14.80 6.20 2.32
C LEU A 192 -16.29 6.28 2.58
N ARG A 193 -16.97 7.17 1.84
CA ARG A 193 -18.41 7.32 1.95
C ARG A 193 -19.04 6.39 0.91
N PRO A 194 -20.32 6.05 1.09
CA PRO A 194 -21.06 5.17 0.18
C PRO A 194 -20.95 5.50 -1.30
N ASN A 195 -20.99 6.78 -1.63
CA ASN A 195 -20.91 7.21 -3.04
C ASN A 195 -19.47 7.23 -3.59
N GLY A 196 -18.51 6.81 -2.77
CA GLY A 196 -17.14 6.78 -3.24
C GLY A 196 -16.28 7.98 -2.88
N GLU A 197 -16.88 9.05 -2.38
CA GLU A 197 -16.09 10.21 -1.99
C GLU A 197 -15.16 9.79 -0.86
N VAL A 198 -13.96 10.33 -0.86
CA VAL A 198 -12.99 9.98 0.18
C VAL A 198 -12.31 11.15 0.84
N LYS A 199 -11.94 10.96 2.10
CA LYS A 199 -11.19 11.96 2.87
C LYS A 199 -10.02 11.16 3.42
N ALA A 200 -8.84 11.78 3.44
CA ALA A 200 -7.66 11.08 3.93
C ALA A 200 -6.86 11.94 4.89
N PHE A 201 -6.34 11.29 5.93
CA PHE A 201 -5.55 11.96 6.95
C PHE A 201 -4.31 11.13 7.22
N LEU A 202 -3.18 11.80 7.42
CA LEU A 202 -1.93 11.10 7.68
C LEU A 202 -1.42 11.29 9.10
N VAL A 203 -1.31 10.19 9.83
CA VAL A 203 -0.78 10.25 11.19
C VAL A 203 0.72 10.11 10.99
N ASP A 204 1.49 10.92 11.68
CA ASP A 204 2.94 10.88 11.58
C ASP A 204 3.53 11.37 12.89
N ASP A 205 3.77 10.43 13.81
CA ASP A 205 4.31 10.76 15.11
C ASP A 205 5.70 10.19 15.36
N GLU A 206 6.52 10.94 16.07
CA GLU A 206 7.85 10.49 16.40
C GLU A 206 7.75 9.76 17.74
N LEU A 207 8.15 8.50 17.77
CA LEU A 207 8.08 7.72 19.00
C LEU A 207 9.46 7.30 19.46
N ASN A 208 9.55 6.93 20.73
CA ASN A 208 10.80 6.51 21.34
C ASN A 208 10.79 5.03 21.68
N ILE A 209 11.89 4.34 21.37
CA ILE A 209 12.01 2.92 21.61
C ILE A 209 12.74 2.61 22.91
N TYR A 210 12.11 1.82 23.77
CA TYR A 210 12.67 1.44 25.07
C TYR A 210 12.58 -0.06 25.29
N THR A 211 13.54 -0.61 26.01
CA THR A 211 13.52 -2.03 26.35
C THR A 211 12.94 -2.09 27.76
N PRO A 212 12.51 -3.28 28.19
CA PRO A 212 11.94 -3.40 29.54
C PRO A 212 12.96 -2.99 30.61
N ARG A 213 14.20 -3.41 30.42
CA ARG A 213 15.24 -3.07 31.39
C ARG A 213 15.48 -1.57 31.45
N GLU A 214 15.40 -0.90 30.30
CA GLU A 214 15.59 0.55 30.26
C GLU A 214 14.55 1.26 31.10
N VAL A 215 13.29 0.89 30.90
CA VAL A 215 12.21 1.51 31.65
C VAL A 215 12.39 1.25 33.14
N ARG A 216 12.77 0.03 33.51
CA ARG A 216 12.97 -0.29 34.92
C ARG A 216 14.08 0.58 35.52
N LEU A 217 15.20 0.71 34.80
CA LEU A 217 16.32 1.52 35.27
C LEU A 217 15.91 2.98 35.44
N LEU A 218 15.07 3.47 34.53
CA LEU A 218 14.63 4.85 34.62
C LEU A 218 13.59 5.02 35.75
N ALA A 219 12.79 3.99 35.97
CA ALA A 219 11.75 4.03 37.00
C ALA A 219 12.23 3.78 38.43
N GLU A 220 13.22 2.91 38.59
CA GLU A 220 13.74 2.61 39.92
C GLU A 220 14.27 3.84 40.63
N LYS A 221 14.52 4.89 39.85
CA LYS A 221 15.03 6.13 40.41
C LYS A 221 13.93 6.92 41.12
N TYR A 222 12.67 6.54 40.91
CA TYR A 222 11.54 7.27 41.48
C TYR A 222 10.56 6.46 42.35
N PHE A 223 10.64 5.15 42.28
CA PHE A 223 9.78 4.28 43.06
C PHE A 223 10.65 3.35 43.89
N GLU A 224 10.19 3.01 45.09
CA GLU A 224 10.98 2.12 45.94
C GLU A 224 11.22 0.78 45.25
N LYS A 225 10.18 0.25 44.63
CA LYS A 225 10.30 -1.02 43.94
C LYS A 225 9.62 -0.96 42.57
N VAL A 226 10.24 -1.59 41.59
CA VAL A 226 9.70 -1.62 40.24
C VAL A 226 9.64 -3.06 39.78
N LYS A 227 8.54 -3.42 39.14
CA LYS A 227 8.38 -4.76 38.63
C LYS A 227 8.10 -4.70 37.13
N ILE A 228 8.52 -5.74 36.42
CA ILE A 228 8.28 -5.83 34.99
C ILE A 228 7.50 -7.11 34.78
N TYR A 229 6.30 -6.98 34.22
CA TYR A 229 5.46 -8.14 33.97
C TYR A 229 5.17 -8.22 32.48
N GLY A 230 4.63 -9.36 32.04
CA GLY A 230 4.32 -9.52 30.64
C GLY A 230 3.07 -10.33 30.39
N ASN A 231 2.41 -10.08 29.27
CA ASN A 231 1.21 -10.82 28.87
C ASN A 231 0.14 -11.07 29.94
N LEU A 232 -0.32 -10.01 30.59
CA LEU A 232 -1.37 -10.09 31.60
C LEU A 232 -1.15 -11.08 32.74
N LYS A 233 0.09 -11.24 33.18
CA LYS A 233 0.41 -12.12 34.29
C LYS A 233 1.44 -11.41 35.14
N ARG A 234 1.36 -11.62 36.46
CA ARG A 234 2.33 -10.99 37.35
C ARG A 234 3.64 -11.79 37.34
N GLU A 235 4.15 -11.98 36.14
CA GLU A 235 5.40 -12.70 35.91
C GLU A 235 5.90 -12.26 34.53
N LEU A 236 7.16 -12.58 34.22
CA LEU A 236 7.72 -12.23 32.93
C LEU A 236 8.30 -13.47 32.29
N SER A 237 7.81 -13.82 31.10
CA SER A 237 8.30 -15.00 30.39
C SER A 237 9.17 -14.54 29.24
N PRO A 238 10.21 -15.32 28.91
CA PRO A 238 11.16 -15.05 27.83
C PRO A 238 10.59 -14.48 26.53
N ASN A 239 9.49 -15.06 26.07
CA ASN A 239 8.90 -14.61 24.80
C ASN A 239 7.72 -13.64 24.86
N ASP A 240 7.44 -13.07 26.03
CA ASP A 240 6.34 -12.11 26.13
C ASP A 240 6.61 -10.95 25.18
N MET A 241 5.57 -10.39 24.58
CA MET A 241 5.71 -9.29 23.63
C MET A 241 5.13 -7.95 24.06
N ARG A 242 4.36 -7.95 25.15
CA ARG A 242 3.82 -6.69 25.67
C ARG A 242 4.24 -6.65 27.13
N TYR A 243 4.74 -5.50 27.57
CA TYR A 243 5.24 -5.39 28.93
C TYR A 243 4.47 -4.41 29.79
N TRP A 244 4.55 -4.64 31.09
CA TRP A 244 3.93 -3.78 32.07
C TRP A 244 4.97 -3.41 33.10
N ILE A 245 5.10 -2.11 33.37
CA ILE A 245 6.03 -1.65 34.38
C ILE A 245 5.14 -1.23 35.54
N VAL A 246 5.45 -1.73 36.74
CA VAL A 246 4.69 -1.40 37.92
C VAL A 246 5.62 -0.76 38.93
N GLY A 247 5.35 0.49 39.27
CA GLY A 247 6.16 1.19 40.25
C GLY A 247 5.40 1.27 41.56
N ILE A 248 6.04 0.87 42.65
CA ILE A 248 5.40 0.89 43.96
C ILE A 248 6.05 1.95 44.85
N ALA A 249 5.25 2.91 45.30
CA ALA A 249 5.77 3.97 46.15
C ALA A 249 6.08 3.44 47.55
N LYS A 250 7.11 4.00 48.19
CA LYS A 250 7.49 3.60 49.54
C LYS A 250 6.31 3.81 50.48
N SER A 251 6.11 2.90 51.43
CA SER A 251 5.00 3.04 52.37
C SER A 251 5.47 3.10 53.82
N MET B 1 -20.32 -6.69 1.25
CA MET B 1 -19.97 -7.74 0.26
C MET B 1 -20.61 -7.42 -1.09
N TYR B 2 -20.08 -8.00 -2.16
CA TYR B 2 -20.59 -7.83 -3.52
C TYR B 2 -20.36 -6.43 -4.10
N GLU B 3 -19.54 -5.61 -3.47
CA GLU B 3 -19.25 -4.27 -3.96
C GLU B 3 -18.73 -4.31 -5.40
N LEU B 4 -17.97 -5.36 -5.70
CA LEU B 4 -17.38 -5.52 -7.02
C LEU B 4 -18.45 -5.75 -8.09
N TYR B 5 -19.57 -6.32 -7.70
CA TYR B 5 -20.64 -6.64 -8.65
C TYR B 5 -21.82 -5.68 -8.67
N THR B 6 -21.74 -4.64 -7.86
CA THR B 6 -22.81 -3.66 -7.81
C THR B 6 -22.27 -2.28 -8.17
N LEU B 7 -21.64 -1.63 -7.20
CA LEU B 7 -21.07 -0.30 -7.42
C LEU B 7 -19.94 -0.28 -8.46
N LEU B 8 -19.17 -1.37 -8.53
CA LEU B 8 -18.05 -1.46 -9.46
C LEU B 8 -18.31 -2.33 -10.69
N ALA B 9 -19.56 -2.72 -10.93
CA ALA B 9 -19.88 -3.57 -12.07
C ALA B 9 -19.36 -3.05 -13.42
N GLU B 10 -19.55 -1.76 -13.67
CA GLU B 10 -19.11 -1.17 -14.94
C GLU B 10 -17.58 -1.14 -15.09
N TYR B 11 -16.88 -1.45 -14.00
CA TYR B 11 -15.42 -1.47 -14.00
C TYR B 11 -14.86 -2.90 -13.98
N TYR B 12 -15.73 -3.88 -13.84
CA TYR B 12 -15.30 -5.28 -13.77
C TYR B 12 -14.41 -5.73 -14.93
N ASP B 13 -14.84 -5.50 -16.16
CA ASP B 13 -14.04 -5.95 -17.31
C ASP B 13 -12.69 -5.24 -17.41
N THR B 14 -12.61 -4.02 -16.88
CA THR B 14 -11.35 -3.26 -16.90
C THR B 14 -10.42 -3.89 -15.87
N ILE B 15 -10.94 -4.13 -14.68
CA ILE B 15 -10.17 -4.75 -13.61
C ILE B 15 -9.67 -6.13 -14.04
N TYR B 16 -10.52 -6.85 -14.78
CA TYR B 16 -10.15 -8.18 -15.25
C TYR B 16 -9.81 -8.29 -16.73
N ARG B 17 -9.10 -7.28 -17.24
CA ARG B 17 -8.67 -7.24 -18.63
C ARG B 17 -7.86 -8.49 -18.96
N ARG B 18 -7.01 -8.91 -18.03
CA ARG B 18 -6.18 -10.09 -18.21
C ARG B 18 -7.03 -11.36 -18.34
N ARG B 19 -8.03 -11.48 -17.49
CA ARG B 19 -8.93 -12.64 -17.51
C ARG B 19 -9.60 -12.71 -18.88
N ILE B 20 -9.92 -11.55 -19.45
CA ILE B 20 -10.55 -11.49 -20.77
C ILE B 20 -9.59 -11.87 -21.91
N GLU B 21 -8.36 -11.40 -21.81
CA GLU B 21 -7.37 -11.67 -22.84
C GLU B 21 -7.04 -13.15 -23.03
N ARG B 22 -7.46 -14.00 -22.10
CA ARG B 22 -7.20 -15.42 -22.21
C ARG B 22 -8.45 -16.30 -22.18
N VAL B 23 -9.62 -15.69 -22.39
CA VAL B 23 -10.87 -16.44 -22.37
C VAL B 23 -10.94 -17.44 -23.52
N LYS B 24 -10.31 -17.12 -24.64
CA LYS B 24 -10.34 -18.01 -25.80
C LYS B 24 -9.62 -19.32 -25.51
N ALA B 25 -8.47 -19.25 -24.85
CA ALA B 25 -7.73 -20.45 -24.51
C ALA B 25 -8.53 -21.28 -23.51
N GLU B 26 -9.23 -20.60 -22.61
CA GLU B 26 -10.03 -21.30 -21.61
C GLU B 26 -11.21 -22.02 -22.21
N ILE B 27 -11.88 -21.39 -23.17
CA ILE B 27 -13.02 -22.02 -23.80
C ILE B 27 -12.54 -23.15 -24.72
N ASP B 28 -11.32 -23.04 -25.24
CA ASP B 28 -10.77 -24.10 -26.07
C ASP B 28 -10.72 -25.36 -25.21
N PHE B 29 -10.30 -25.19 -23.96
CA PHE B 29 -10.20 -26.29 -23.01
C PHE B 29 -11.58 -26.82 -22.65
N VAL B 30 -12.52 -25.90 -22.44
CA VAL B 30 -13.88 -26.29 -22.11
C VAL B 30 -14.48 -27.16 -23.22
N GLU B 31 -14.22 -26.80 -24.47
CA GLU B 31 -14.74 -27.58 -25.58
C GLU B 31 -14.10 -28.97 -25.62
N GLU B 32 -12.85 -29.06 -25.19
CA GLU B 32 -12.17 -30.34 -25.17
C GLU B 32 -12.87 -31.23 -24.15
N ILE B 33 -13.30 -30.62 -23.05
CA ILE B 33 -14.00 -31.36 -22.01
C ILE B 33 -15.36 -31.83 -22.51
N PHE B 34 -16.04 -30.97 -23.26
CA PHE B 34 -17.34 -31.33 -23.82
C PHE B 34 -17.16 -32.53 -24.74
N LYS B 35 -16.04 -32.53 -25.46
CA LYS B 35 -15.74 -33.59 -26.41
C LYS B 35 -15.29 -34.91 -25.79
N GLU B 36 -14.30 -34.85 -24.90
CA GLU B 36 -13.74 -36.05 -24.28
C GLU B 36 -14.40 -36.56 -23.01
N ASP B 37 -15.05 -35.68 -22.24
CA ASP B 37 -15.68 -36.09 -21.00
C ASP B 37 -17.19 -36.23 -21.03
N ALA B 38 -17.85 -35.34 -21.76
CA ALA B 38 -19.31 -35.39 -21.86
C ALA B 38 -19.73 -36.64 -22.62
N LYS B 39 -20.87 -37.22 -22.23
CA LYS B 39 -21.36 -38.43 -22.89
C LYS B 39 -22.62 -38.15 -23.71
N ARG B 40 -22.72 -36.91 -24.19
CA ARG B 40 -23.84 -36.48 -25.01
C ARG B 40 -23.32 -35.26 -25.76
N GLU B 41 -24.00 -34.88 -26.84
CA GLU B 41 -23.56 -33.71 -27.60
C GLU B 41 -23.93 -32.48 -26.79
N VAL B 42 -22.99 -31.55 -26.67
CA VAL B 42 -23.24 -30.34 -25.90
C VAL B 42 -23.68 -29.19 -26.78
N ARG B 43 -24.90 -28.73 -26.55
CA ARG B 43 -25.46 -27.63 -27.31
C ARG B 43 -26.00 -26.53 -26.40
N ARG B 44 -26.81 -26.90 -25.41
CA ARG B 44 -27.38 -25.94 -24.48
C ARG B 44 -26.60 -25.90 -23.18
N VAL B 45 -26.11 -24.70 -22.83
CA VAL B 45 -25.30 -24.53 -21.62
C VAL B 45 -25.87 -23.52 -20.63
N LEU B 46 -25.80 -23.86 -19.34
CA LEU B 46 -26.26 -22.97 -18.28
C LEU B 46 -24.99 -22.45 -17.61
N ASP B 47 -24.76 -21.14 -17.68
CA ASP B 47 -23.57 -20.54 -17.06
C ASP B 47 -23.99 -19.83 -15.79
N LEU B 48 -23.75 -20.49 -14.66
CA LEU B 48 -24.09 -19.97 -13.33
C LEU B 48 -23.14 -18.88 -12.87
N ALA B 49 -23.70 -17.84 -12.24
CA ALA B 49 -22.93 -16.70 -11.76
C ALA B 49 -22.08 -16.19 -12.93
N CYS B 50 -22.78 -15.90 -14.03
CA CYS B 50 -22.15 -15.47 -15.27
C CYS B 50 -21.47 -14.10 -15.27
N GLY B 51 -21.76 -13.27 -14.27
CA GLY B 51 -21.16 -11.95 -14.21
C GLY B 51 -21.40 -11.14 -15.47
N THR B 52 -20.36 -10.49 -15.99
CA THR B 52 -20.47 -9.70 -17.19
C THR B 52 -20.46 -10.58 -18.44
N GLY B 53 -20.46 -11.89 -18.22
CA GLY B 53 -20.50 -12.85 -19.32
C GLY B 53 -19.26 -13.02 -20.18
N ILE B 54 -18.08 -12.83 -19.61
CA ILE B 54 -16.84 -12.98 -20.38
C ILE B 54 -16.76 -14.36 -21.03
N PRO B 55 -16.87 -15.45 -20.26
CA PRO B 55 -16.82 -16.74 -20.93
C PRO B 55 -18.15 -17.06 -21.61
N THR B 56 -19.22 -16.46 -21.10
CA THR B 56 -20.56 -16.67 -21.66
C THR B 56 -20.64 -16.28 -23.14
N LEU B 57 -20.13 -15.09 -23.46
CA LEU B 57 -20.15 -14.62 -24.84
C LEU B 57 -19.22 -15.43 -25.74
N GLU B 58 -18.07 -15.83 -25.21
CA GLU B 58 -17.13 -16.63 -25.99
C GLU B 58 -17.77 -17.96 -26.38
N LEU B 59 -18.57 -18.54 -25.47
CA LEU B 59 -19.25 -19.79 -25.78
C LEU B 59 -20.32 -19.55 -26.84
N ALA B 60 -21.09 -18.48 -26.66
CA ALA B 60 -22.15 -18.12 -27.61
C ALA B 60 -21.56 -17.91 -28.99
N GLU B 61 -20.40 -17.27 -29.04
CA GLU B 61 -19.73 -17.00 -30.30
C GLU B 61 -19.38 -18.29 -31.06
N ARG B 62 -19.22 -19.38 -30.32
CA ARG B 62 -18.87 -20.65 -30.94
C ARG B 62 -20.11 -21.49 -31.31
N GLY B 63 -21.28 -20.89 -31.18
CA GLY B 63 -22.50 -21.62 -31.54
C GLY B 63 -23.29 -22.29 -30.43
N TYR B 64 -22.85 -22.20 -29.19
CA TYR B 64 -23.59 -22.82 -28.11
C TYR B 64 -24.80 -21.96 -27.75
N GLU B 65 -25.87 -22.61 -27.34
CA GLU B 65 -27.09 -21.92 -26.91
C GLU B 65 -26.91 -21.77 -25.41
N VAL B 66 -26.62 -20.55 -24.96
CA VAL B 66 -26.34 -20.30 -23.56
C VAL B 66 -27.35 -19.48 -22.75
N VAL B 67 -27.53 -19.90 -21.50
CA VAL B 67 -28.41 -19.23 -20.56
C VAL B 67 -27.46 -18.80 -19.44
N GLY B 68 -27.40 -17.50 -19.17
CA GLY B 68 -26.52 -17.01 -18.11
C GLY B 68 -27.33 -16.50 -16.94
N LEU B 69 -26.97 -16.92 -15.73
CA LEU B 69 -27.68 -16.50 -14.53
C LEU B 69 -26.76 -15.79 -13.56
N ASP B 70 -27.21 -14.65 -13.03
CA ASP B 70 -26.41 -13.93 -12.04
C ASP B 70 -27.28 -13.24 -11.03
N LEU B 71 -26.78 -13.17 -9.81
CA LEU B 71 -27.48 -12.54 -8.70
C LEU B 71 -27.63 -11.03 -8.87
N HIS B 72 -26.67 -10.39 -9.52
CA HIS B 72 -26.71 -8.94 -9.67
C HIS B 72 -27.01 -8.39 -11.05
N GLU B 73 -28.09 -7.62 -11.12
CA GLU B 73 -28.56 -7.00 -12.35
C GLU B 73 -27.49 -6.07 -12.92
N GLU B 74 -26.69 -5.47 -12.05
CA GLU B 74 -25.64 -4.55 -12.49
C GLU B 74 -24.64 -5.27 -13.40
N MET B 75 -24.35 -6.53 -13.09
CA MET B 75 -23.42 -7.30 -13.89
C MET B 75 -24.11 -7.72 -15.19
N LEU B 76 -25.35 -8.16 -15.08
CA LEU B 76 -26.12 -8.60 -16.26
C LEU B 76 -26.29 -7.49 -17.28
N ARG B 77 -26.39 -6.26 -16.80
CA ARG B 77 -26.55 -5.11 -17.68
C ARG B 77 -25.35 -5.00 -18.62
N VAL B 78 -24.17 -5.27 -18.09
CA VAL B 78 -22.94 -5.23 -18.88
C VAL B 78 -22.92 -6.39 -19.85
N ALA B 79 -23.28 -7.57 -19.36
CA ALA B 79 -23.30 -8.76 -20.21
C ALA B 79 -24.25 -8.57 -21.41
N ARG B 80 -25.45 -8.09 -21.14
CA ARG B 80 -26.44 -7.87 -22.21
C ARG B 80 -25.98 -6.83 -23.22
N ARG B 81 -25.32 -5.79 -22.72
CA ARG B 81 -24.82 -4.71 -23.58
C ARG B 81 -23.79 -5.28 -24.55
N LYS B 82 -22.85 -6.07 -24.04
CA LYS B 82 -21.82 -6.66 -24.88
C LYS B 82 -22.41 -7.66 -25.87
N ALA B 83 -23.39 -8.45 -25.42
CA ALA B 83 -24.02 -9.44 -26.30
C ALA B 83 -24.69 -8.73 -27.47
N LYS B 84 -25.38 -7.64 -27.16
CA LYS B 84 -26.08 -6.85 -28.17
C LYS B 84 -25.08 -6.29 -29.19
N GLU B 85 -24.01 -5.69 -28.68
CA GLU B 85 -22.97 -5.10 -29.55
C GLU B 85 -22.32 -6.15 -30.45
N ARG B 86 -22.22 -7.38 -29.96
CA ARG B 86 -21.59 -8.45 -30.73
C ARG B 86 -22.59 -9.34 -31.47
N ASN B 87 -23.85 -8.94 -31.46
CA ASN B 87 -24.91 -9.69 -32.14
C ASN B 87 -25.01 -11.14 -31.70
N LEU B 88 -24.76 -11.39 -30.42
CA LEU B 88 -24.85 -12.74 -29.88
C LEU B 88 -26.18 -12.86 -29.15
N LYS B 89 -26.83 -14.01 -29.31
CA LYS B 89 -28.11 -14.26 -28.67
C LYS B 89 -27.91 -15.13 -27.44
N ILE B 90 -28.11 -14.51 -26.27
CA ILE B 90 -27.94 -15.21 -25.00
C ILE B 90 -29.08 -14.81 -24.06
N GLU B 91 -29.59 -15.77 -23.31
CA GLU B 91 -30.65 -15.47 -22.36
C GLU B 91 -30.01 -15.22 -20.99
N PHE B 92 -29.96 -13.96 -20.59
CA PHE B 92 -29.39 -13.59 -19.30
C PHE B 92 -30.52 -13.42 -18.28
N LEU B 93 -30.40 -14.12 -17.16
CA LEU B 93 -31.42 -14.10 -16.11
C LEU B 93 -30.85 -13.71 -14.76
N GLN B 94 -31.66 -13.01 -13.96
CA GLN B 94 -31.27 -12.60 -12.63
C GLN B 94 -31.77 -13.66 -11.65
N GLY B 95 -30.94 -14.03 -10.69
CA GLY B 95 -31.35 -15.04 -9.72
C GLY B 95 -30.20 -15.64 -8.95
N ASP B 96 -30.53 -16.28 -7.83
CA ASP B 96 -29.55 -16.94 -6.97
C ASP B 96 -29.33 -18.35 -7.54
N VAL B 97 -28.07 -18.74 -7.72
CA VAL B 97 -27.79 -20.07 -8.26
C VAL B 97 -28.29 -21.16 -7.32
N LEU B 98 -28.35 -20.86 -6.02
CA LEU B 98 -28.79 -21.82 -5.03
C LEU B 98 -30.30 -22.06 -5.10
N GLU B 99 -30.99 -21.24 -5.88
CA GLU B 99 -32.43 -21.34 -6.03
C GLU B 99 -32.89 -21.81 -7.41
N ILE B 100 -31.98 -22.31 -8.23
CA ILE B 100 -32.37 -22.77 -9.56
C ILE B 100 -33.30 -23.97 -9.42
N ALA B 101 -34.12 -24.22 -10.44
CA ALA B 101 -35.05 -25.34 -10.41
C ALA B 101 -35.14 -26.05 -11.76
N PHE B 102 -34.12 -25.84 -12.60
CA PHE B 102 -34.08 -26.45 -13.92
C PHE B 102 -34.01 -27.98 -13.76
N LYS B 103 -34.69 -28.69 -14.64
CA LYS B 103 -34.71 -30.14 -14.57
C LYS B 103 -34.46 -30.81 -15.92
N ASN B 104 -33.42 -31.63 -15.99
CA ASN B 104 -33.09 -32.37 -17.20
C ASN B 104 -33.22 -31.51 -18.46
N GLU B 105 -32.55 -30.37 -18.51
CA GLU B 105 -32.67 -29.52 -19.69
C GLU B 105 -31.40 -28.84 -20.19
N PHE B 106 -30.26 -29.18 -19.60
CA PHE B 106 -29.00 -28.60 -20.04
C PHE B 106 -27.97 -29.69 -20.31
N ASP B 107 -27.23 -29.53 -21.41
CA ASP B 107 -26.21 -30.50 -21.78
C ASP B 107 -24.96 -30.27 -20.92
N ALA B 108 -24.80 -29.04 -20.46
CA ALA B 108 -23.65 -28.68 -19.64
C ALA B 108 -23.96 -27.47 -18.76
N VAL B 109 -23.39 -27.46 -17.57
CA VAL B 109 -23.57 -26.37 -16.64
C VAL B 109 -22.16 -25.90 -16.27
N THR B 110 -21.93 -24.59 -16.28
CA THR B 110 -20.60 -24.07 -15.97
C THR B 110 -20.65 -23.00 -14.87
N MET B 111 -19.52 -22.81 -14.22
CA MET B 111 -19.39 -21.79 -13.17
C MET B 111 -17.92 -21.40 -13.25
N PHE B 112 -17.67 -20.30 -13.93
CA PHE B 112 -16.31 -19.83 -14.15
C PHE B 112 -15.74 -18.81 -13.19
N PHE B 113 -14.41 -18.87 -13.07
CA PHE B 113 -13.64 -17.94 -12.27
C PHE B 113 -13.77 -17.94 -10.75
N SER B 114 -13.53 -19.11 -10.15
CA SER B 114 -13.53 -19.28 -8.70
C SER B 114 -14.79 -18.97 -7.89
N THR B 115 -15.94 -18.93 -8.54
CA THR B 115 -17.14 -18.60 -7.79
C THR B 115 -17.60 -19.61 -6.73
N ILE B 116 -17.11 -20.85 -6.78
CA ILE B 116 -17.54 -21.79 -5.74
C ILE B 116 -17.08 -21.31 -4.37
N MET B 117 -16.05 -20.46 -4.34
CA MET B 117 -15.53 -19.94 -3.08
C MET B 117 -16.52 -19.08 -2.30
N TYR B 118 -17.61 -18.66 -2.96
CA TYR B 118 -18.63 -17.86 -2.31
C TYR B 118 -19.59 -18.72 -1.50
N PHE B 119 -19.45 -20.04 -1.58
CA PHE B 119 -20.36 -20.94 -0.88
C PHE B 119 -19.68 -21.82 0.15
N ASP B 120 -20.30 -21.97 1.32
CA ASP B 120 -19.73 -22.84 2.34
C ASP B 120 -20.10 -24.28 1.99
N GLU B 121 -19.66 -25.24 2.80
CA GLU B 121 -19.92 -26.64 2.52
C GLU B 121 -21.39 -26.98 2.29
N GLU B 122 -22.26 -26.52 3.17
CA GLU B 122 -23.68 -26.80 3.05
C GLU B 122 -24.26 -26.26 1.74
N ASP B 123 -23.96 -24.99 1.43
CA ASP B 123 -24.50 -24.39 0.22
C ASP B 123 -23.88 -25.00 -1.04
N LEU B 124 -22.65 -25.48 -0.94
CA LEU B 124 -21.98 -26.08 -2.08
C LEU B 124 -22.65 -27.42 -2.40
N ARG B 125 -23.08 -28.14 -1.36
CA ARG B 125 -23.76 -29.41 -1.56
C ARG B 125 -25.09 -29.13 -2.25
N LYS B 126 -25.80 -28.12 -1.75
CA LYS B 126 -27.08 -27.72 -2.31
C LYS B 126 -26.90 -27.34 -3.78
N LEU B 127 -25.83 -26.61 -4.07
CA LEU B 127 -25.55 -26.20 -5.44
C LEU B 127 -25.31 -27.40 -6.34
N PHE B 128 -24.44 -28.31 -5.93
CA PHE B 128 -24.14 -29.49 -6.74
C PHE B 128 -25.36 -30.37 -6.96
N SER B 129 -26.26 -30.39 -5.97
CA SER B 129 -27.48 -31.18 -6.07
C SER B 129 -28.36 -30.62 -7.19
N LYS B 130 -28.58 -29.31 -7.17
CA LYS B 130 -29.40 -28.66 -8.17
C LYS B 130 -28.78 -28.69 -9.56
N VAL B 131 -27.44 -28.64 -9.62
CA VAL B 131 -26.75 -28.71 -10.91
C VAL B 131 -27.01 -30.08 -11.54
N ALA B 132 -26.94 -31.12 -10.71
CA ALA B 132 -27.18 -32.48 -11.18
C ALA B 132 -28.59 -32.64 -11.73
N GLU B 133 -29.56 -32.02 -11.06
CA GLU B 133 -30.96 -32.09 -11.51
C GLU B 133 -31.16 -31.35 -12.82
N ALA B 134 -30.41 -30.27 -13.01
CA ALA B 134 -30.51 -29.46 -14.22
C ALA B 134 -29.89 -30.13 -15.43
N LEU B 135 -28.94 -31.03 -15.20
CA LEU B 135 -28.27 -31.70 -16.30
C LEU B 135 -29.05 -32.87 -16.91
N LYS B 136 -28.74 -33.14 -18.17
CA LYS B 136 -29.36 -34.25 -18.88
C LYS B 136 -28.31 -35.36 -18.82
N PRO B 137 -28.74 -36.63 -18.94
CA PRO B 137 -27.83 -37.78 -18.90
C PRO B 137 -26.57 -37.62 -19.74
N GLY B 138 -25.41 -37.83 -19.12
CA GLY B 138 -24.17 -37.69 -19.84
C GLY B 138 -23.69 -36.25 -19.88
N GLY B 139 -24.48 -35.35 -19.30
CA GLY B 139 -24.12 -33.95 -19.28
C GLY B 139 -22.96 -33.70 -18.33
N VAL B 140 -22.32 -32.53 -18.44
CA VAL B 140 -21.19 -32.23 -17.57
C VAL B 140 -21.27 -30.89 -16.84
N PHE B 141 -20.71 -30.87 -15.64
CA PHE B 141 -20.64 -29.66 -14.83
C PHE B 141 -19.16 -29.28 -14.81
N ILE B 142 -18.86 -28.02 -15.07
CA ILE B 142 -17.47 -27.59 -15.09
C ILE B 142 -17.27 -26.32 -14.27
N THR B 143 -16.29 -26.34 -13.36
CA THR B 143 -16.02 -25.15 -12.57
C THR B 143 -14.53 -25.09 -12.25
N ASP B 144 -13.97 -23.88 -12.22
CA ASP B 144 -12.56 -23.69 -11.91
C ASP B 144 -12.35 -22.86 -10.66
N PHE B 145 -11.25 -23.14 -9.95
CA PHE B 145 -10.91 -22.41 -8.74
C PHE B 145 -9.40 -22.48 -8.55
N PRO B 146 -8.82 -21.50 -7.85
CA PRO B 146 -7.39 -21.41 -7.59
C PRO B 146 -6.85 -22.20 -6.41
N CYS B 147 -5.52 -22.32 -6.35
CA CYS B 147 -4.87 -23.05 -5.28
C CYS B 147 -5.10 -22.37 -3.94
N GLY B 155 2.26 -8.17 2.11
CA GLY B 155 0.89 -7.91 2.49
C GLY B 155 0.06 -7.45 1.31
N PRO B 156 -0.06 -6.14 1.10
CA PRO B 156 -0.85 -5.67 -0.04
C PRO B 156 -0.11 -5.78 -1.38
N VAL B 157 -0.88 -6.00 -2.43
CA VAL B 157 -0.35 -6.08 -3.79
C VAL B 157 -1.09 -4.98 -4.55
N VAL B 158 -0.35 -4.13 -5.23
CA VAL B 158 -0.94 -3.02 -5.97
C VAL B 158 -0.71 -3.13 -7.48
N TRP B 159 -1.71 -2.77 -8.25
CA TRP B 159 -1.65 -2.79 -9.70
C TRP B 159 -2.63 -1.77 -10.25
N ASN B 160 -2.58 -1.53 -11.55
CA ASN B 160 -3.44 -0.52 -12.15
C ASN B 160 -4.01 -0.91 -13.50
N GLU B 161 -5.13 -0.28 -13.85
CA GLU B 161 -5.80 -0.50 -15.12
C GLU B 161 -6.40 0.84 -15.51
N GLN B 162 -7.05 0.90 -16.67
CA GLN B 162 -7.64 2.15 -17.11
C GLN B 162 -8.89 1.93 -17.94
N LYS B 163 -9.91 2.75 -17.68
CA LYS B 163 -11.16 2.67 -18.43
C LYS B 163 -11.45 4.09 -18.92
N GLY B 164 -11.28 4.31 -20.22
CA GLY B 164 -11.51 5.64 -20.75
C GLY B 164 -10.46 6.58 -20.18
N GLU B 165 -10.93 7.70 -19.62
CA GLU B 165 -10.03 8.70 -19.03
C GLU B 165 -9.75 8.41 -17.57
N GLU B 166 -10.37 7.36 -17.04
CA GLU B 166 -10.20 7.03 -15.63
C GLU B 166 -9.19 5.93 -15.38
N LYS B 167 -8.27 6.21 -14.46
CA LYS B 167 -7.25 5.25 -14.10
C LYS B 167 -7.61 4.58 -12.79
N LEU B 168 -7.47 3.25 -12.75
CA LEU B 168 -7.80 2.51 -11.53
C LEU B 168 -6.57 1.97 -10.84
N VAL B 169 -6.42 2.28 -9.56
CA VAL B 169 -5.30 1.75 -8.79
C VAL B 169 -5.98 0.81 -7.82
N ILE B 170 -5.58 -0.45 -7.88
CA ILE B 170 -6.19 -1.50 -7.09
C ILE B 170 -5.21 -2.09 -6.08
N MET B 171 -5.61 -2.13 -4.81
CA MET B 171 -4.78 -2.68 -3.76
C MET B 171 -5.52 -3.85 -3.10
N ASP B 172 -4.94 -5.04 -3.21
CA ASP B 172 -5.55 -6.23 -2.64
C ASP B 172 -4.76 -6.77 -1.46
N TRP B 173 -5.48 -7.35 -0.50
CA TRP B 173 -4.84 -7.97 0.65
C TRP B 173 -5.81 -9.00 1.17
N ARG B 174 -5.30 -9.94 1.95
CA ARG B 174 -6.15 -10.99 2.47
C ARG B 174 -5.91 -11.29 3.93
N GLU B 175 -6.95 -11.84 4.56
CA GLU B 175 -6.91 -12.23 5.95
C GLU B 175 -7.48 -13.64 5.95
N VAL B 176 -6.65 -14.60 6.32
CA VAL B 176 -7.06 -16.00 6.34
C VAL B 176 -7.32 -16.58 7.73
N GLU B 177 -8.38 -17.37 7.83
CA GLU B 177 -8.77 -18.05 9.06
C GLU B 177 -8.71 -19.52 8.65
N PRO B 178 -7.52 -20.12 8.71
CA PRO B 178 -7.25 -21.51 8.35
C PRO B 178 -8.11 -22.58 9.00
N ALA B 179 -8.35 -22.44 10.30
CA ALA B 179 -9.15 -23.40 11.05
C ALA B 179 -10.52 -23.64 10.44
N VAL B 180 -11.21 -22.54 10.10
CA VAL B 180 -12.54 -22.61 9.52
C VAL B 180 -12.53 -22.47 8.00
N GLN B 181 -11.35 -22.51 7.42
CA GLN B 181 -11.18 -22.40 5.98
C GLN B 181 -11.93 -21.22 5.38
N LYS B 182 -11.74 -20.06 6.00
CA LYS B 182 -12.38 -18.83 5.54
C LYS B 182 -11.30 -17.85 5.12
N LEU B 183 -11.62 -17.03 4.12
CA LEU B 183 -10.68 -16.06 3.62
C LEU B 183 -11.44 -14.76 3.39
N ARG B 184 -10.85 -13.67 3.84
CA ARG B 184 -11.45 -12.36 3.68
C ARG B 184 -10.67 -11.69 2.57
N PHE B 185 -11.33 -11.54 1.42
CA PHE B 185 -10.71 -10.91 0.27
C PHE B 185 -11.03 -9.43 0.30
N LYS B 186 -10.00 -8.61 0.45
CA LYS B 186 -10.20 -7.17 0.50
C LYS B 186 -9.55 -6.52 -0.71
N ARG B 187 -10.22 -5.53 -1.28
CA ARG B 187 -9.69 -4.84 -2.43
C ARG B 187 -10.13 -3.39 -2.43
N LEU B 188 -9.15 -2.50 -2.39
CA LEU B 188 -9.43 -1.07 -2.42
C LEU B 188 -9.28 -0.63 -3.87
N VAL B 189 -10.35 -0.12 -4.46
CA VAL B 189 -10.27 0.36 -5.83
C VAL B 189 -10.38 1.88 -5.81
N GLN B 190 -9.33 2.54 -6.30
CA GLN B 190 -9.32 3.99 -6.35
C GLN B 190 -9.46 4.37 -7.82
N ILE B 191 -10.44 5.21 -8.12
CA ILE B 191 -10.70 5.64 -9.49
C ILE B 191 -10.27 7.10 -9.63
N LEU B 192 -9.20 7.31 -10.39
CA LEU B 192 -8.61 8.63 -10.60
C LEU B 192 -9.03 9.31 -11.90
N ARG B 193 -9.51 10.54 -11.79
CA ARG B 193 -9.90 11.30 -12.96
C ARG B 193 -8.70 12.17 -13.34
N PRO B 194 -8.68 12.67 -14.58
CA PRO B 194 -7.58 13.51 -15.07
C PRO B 194 -7.16 14.67 -14.17
N ASN B 195 -8.11 15.31 -13.52
CA ASN B 195 -7.80 16.45 -12.64
C ASN B 195 -7.36 16.08 -11.24
N GLY B 196 -7.22 14.78 -10.97
CA GLY B 196 -6.79 14.36 -9.65
C GLY B 196 -7.90 13.96 -8.70
N GLU B 197 -9.14 14.25 -9.06
CA GLU B 197 -10.26 13.89 -8.20
C GLU B 197 -10.32 12.38 -8.08
N VAL B 198 -10.67 11.89 -6.89
CA VAL B 198 -10.71 10.47 -6.64
C VAL B 198 -12.01 9.96 -6.04
N LYS B 199 -12.31 8.71 -6.36
CA LYS B 199 -13.46 8.01 -5.80
C LYS B 199 -12.86 6.67 -5.41
N ALA B 200 -13.19 6.19 -4.22
CA ALA B 200 -12.64 4.93 -3.76
C ALA B 200 -13.73 4.02 -3.22
N PHE B 201 -13.60 2.72 -3.49
CA PHE B 201 -14.56 1.72 -3.06
C PHE B 201 -13.83 0.53 -2.48
N LEU B 202 -14.38 -0.05 -1.41
CA LEU B 202 -13.75 -1.19 -0.76
C LEU B 202 -14.53 -2.47 -0.99
N VAL B 203 -13.85 -3.47 -1.56
CA VAL B 203 -14.46 -4.78 -1.78
C VAL B 203 -14.10 -5.56 -0.53
N ASP B 204 -15.06 -6.28 0.03
CA ASP B 204 -14.81 -7.04 1.24
C ASP B 204 -15.74 -8.26 1.25
N ASP B 205 -15.27 -9.36 0.67
CA ASP B 205 -16.08 -10.57 0.59
C ASP B 205 -15.52 -11.71 1.43
N GLU B 206 -16.42 -12.50 2.01
CA GLU B 206 -16.01 -13.65 2.80
C GLU B 206 -15.98 -14.82 1.83
N LEU B 207 -14.83 -15.46 1.70
CA LEU B 207 -14.71 -16.60 0.78
C LEU B 207 -14.37 -17.87 1.54
N ASN B 208 -14.57 -19.00 0.88
CA ASN B 208 -14.31 -20.30 1.47
C ASN B 208 -13.15 -20.97 0.76
N ILE B 209 -12.30 -21.61 1.55
CA ILE B 209 -11.12 -22.29 1.03
C ILE B 209 -11.31 -23.79 0.89
N TYR B 210 -11.13 -24.29 -0.33
CA TYR B 210 -11.28 -25.73 -0.62
C TYR B 210 -10.06 -26.25 -1.35
N THR B 211 -9.76 -27.53 -1.15
CA THR B 211 -8.67 -28.18 -1.85
C THR B 211 -9.35 -28.94 -3.00
N PRO B 212 -8.57 -29.41 -3.98
CA PRO B 212 -9.17 -30.16 -5.10
C PRO B 212 -9.88 -31.43 -4.59
N ARG B 213 -9.21 -32.14 -3.69
CA ARG B 213 -9.75 -33.37 -3.12
C ARG B 213 -11.07 -33.10 -2.40
N GLU B 214 -11.12 -32.00 -1.68
CA GLU B 214 -12.30 -31.62 -0.93
C GLU B 214 -13.51 -31.38 -1.82
N VAL B 215 -13.29 -30.68 -2.94
CA VAL B 215 -14.38 -30.41 -3.87
C VAL B 215 -14.82 -31.71 -4.54
N ARG B 216 -13.87 -32.57 -4.91
CA ARG B 216 -14.22 -33.83 -5.53
C ARG B 216 -15.08 -34.68 -4.58
N LEU B 217 -14.74 -34.65 -3.29
CA LEU B 217 -15.49 -35.41 -2.29
C LEU B 217 -16.94 -34.95 -2.22
N LEU B 218 -17.14 -33.64 -2.15
CA LEU B 218 -18.47 -33.07 -2.09
C LEU B 218 -19.26 -33.27 -3.38
N ALA B 219 -18.57 -33.30 -4.52
CA ALA B 219 -19.20 -33.46 -5.81
C ALA B 219 -19.49 -34.91 -6.18
N GLU B 220 -18.58 -35.80 -5.82
CA GLU B 220 -18.72 -37.22 -6.11
C GLU B 220 -20.07 -37.76 -5.63
N LYS B 221 -20.67 -37.05 -4.66
CA LYS B 221 -21.94 -37.45 -4.10
C LYS B 221 -23.11 -37.19 -5.06
N TYR B 222 -22.91 -36.27 -6.01
CA TYR B 222 -23.97 -35.89 -6.93
C TYR B 222 -23.76 -36.22 -8.41
N PHE B 223 -22.57 -36.70 -8.76
CA PHE B 223 -22.26 -37.04 -10.14
C PHE B 223 -21.68 -38.45 -10.20
N GLU B 224 -22.01 -39.19 -11.25
CA GLU B 224 -21.49 -40.55 -11.40
C GLU B 224 -19.97 -40.51 -11.32
N LYS B 225 -19.37 -39.58 -12.04
CA LYS B 225 -17.92 -39.45 -12.01
C LYS B 225 -17.50 -37.99 -11.89
N VAL B 226 -16.39 -37.77 -11.20
CA VAL B 226 -15.85 -36.43 -11.01
C VAL B 226 -14.37 -36.48 -11.32
N LYS B 227 -13.90 -35.55 -12.12
CA LYS B 227 -12.50 -35.51 -12.49
C LYS B 227 -11.86 -34.21 -11.99
N ILE B 228 -10.56 -34.25 -11.74
CA ILE B 228 -9.84 -33.06 -11.29
C ILE B 228 -8.74 -32.80 -12.30
N TYR B 229 -8.81 -31.65 -12.98
CA TYR B 229 -7.81 -31.29 -13.97
C TYR B 229 -7.10 -30.01 -13.55
N GLY B 230 -5.99 -29.71 -14.23
CA GLY B 230 -5.24 -28.51 -13.90
C GLY B 230 -4.62 -27.87 -15.12
N ASN B 231 -4.41 -26.55 -15.04
CA ASN B 231 -3.79 -25.78 -16.10
C ASN B 231 -4.17 -26.10 -17.56
N LEU B 232 -5.46 -25.98 -17.85
CA LEU B 232 -5.98 -26.21 -19.20
C LEU B 232 -5.53 -27.48 -19.90
N LYS B 233 -5.49 -28.58 -19.16
CA LYS B 233 -5.14 -29.88 -19.71
C LYS B 233 -5.99 -30.91 -18.99
N ARG B 234 -6.40 -31.95 -19.71
CA ARG B 234 -7.22 -32.98 -19.11
C ARG B 234 -6.37 -33.94 -18.29
N GLU B 235 -5.64 -33.36 -17.34
CA GLU B 235 -4.76 -34.10 -16.45
C GLU B 235 -4.42 -33.19 -15.28
N LEU B 236 -3.81 -33.74 -14.24
CA LEU B 236 -3.44 -32.95 -13.08
C LEU B 236 -1.96 -33.16 -12.79
N SER B 237 -1.18 -32.09 -12.86
CA SER B 237 0.25 -32.16 -12.58
C SER B 237 0.54 -31.64 -11.19
N PRO B 238 1.53 -32.22 -10.51
CA PRO B 238 1.94 -31.87 -9.15
C PRO B 238 1.98 -30.38 -8.81
N ASN B 239 2.45 -29.56 -9.73
CA ASN B 239 2.56 -28.13 -9.46
C ASN B 239 1.53 -27.20 -10.08
N ASP B 240 0.43 -27.74 -10.60
CA ASP B 240 -0.60 -26.88 -11.18
C ASP B 240 -1.15 -25.97 -10.08
N MET B 241 -1.54 -24.75 -10.45
CA MET B 241 -2.07 -23.80 -9.49
C MET B 241 -3.52 -23.38 -9.73
N ARG B 242 -4.13 -23.89 -10.79
CA ARG B 242 -5.53 -23.61 -11.06
C ARG B 242 -6.18 -24.93 -11.39
N TYR B 243 -7.30 -25.21 -10.73
CA TYR B 243 -7.96 -26.48 -10.90
C TYR B 243 -9.33 -26.41 -11.55
N TRP B 244 -9.69 -27.51 -12.20
CA TRP B 244 -10.97 -27.62 -12.86
C TRP B 244 -11.63 -28.90 -12.35
N ILE B 245 -12.85 -28.78 -11.86
CA ILE B 245 -13.59 -29.94 -11.38
C ILE B 245 -14.61 -30.23 -12.47
N VAL B 246 -14.68 -31.48 -12.90
CA VAL B 246 -15.63 -31.86 -13.94
C VAL B 246 -16.53 -32.99 -13.45
N GLY B 247 -17.83 -32.71 -13.39
CA GLY B 247 -18.78 -33.71 -12.96
C GLY B 247 -19.49 -34.25 -14.18
N ILE B 248 -19.54 -35.57 -14.31
CA ILE B 248 -20.20 -36.20 -15.44
C ILE B 248 -21.45 -36.94 -14.96
N ALA B 249 -22.61 -36.53 -15.46
CA ALA B 249 -23.86 -37.17 -15.07
C ALA B 249 -23.91 -38.55 -15.71
N LYS B 250 -24.40 -39.52 -14.95
CA LYS B 250 -24.50 -40.90 -15.45
C LYS B 250 -25.29 -40.92 -16.75
N SER B 251 -24.78 -41.64 -17.75
CA SER B 251 -25.45 -41.75 -19.04
C SER B 251 -25.85 -43.20 -19.26
N MET C 1 2.58 8.19 -19.20
CA MET C 1 3.98 8.59 -18.91
C MET C 1 4.15 10.10 -18.72
N TYR C 2 5.24 10.46 -18.05
CA TYR C 2 5.62 11.85 -17.77
C TYR C 2 4.69 12.58 -16.80
N GLU C 3 3.82 11.86 -16.11
CA GLU C 3 2.90 12.50 -15.16
C GLU C 3 3.67 13.25 -14.08
N LEU C 4 4.85 12.76 -13.74
CA LEU C 4 5.68 13.37 -12.72
C LEU C 4 6.26 14.71 -13.16
N TYR C 5 6.38 14.90 -14.46
CA TYR C 5 6.97 16.11 -15.02
C TYR C 5 5.97 17.09 -15.58
N THR C 6 4.70 16.74 -15.50
CA THR C 6 3.65 17.61 -16.01
C THR C 6 2.69 17.95 -14.87
N LEU C 7 1.73 17.07 -14.61
CA LEU C 7 0.76 17.29 -13.55
C LEU C 7 1.41 17.45 -12.18
N LEU C 8 2.52 16.74 -11.94
CA LEU C 8 3.19 16.81 -10.65
C LEU C 8 4.45 17.68 -10.61
N ALA C 9 4.71 18.43 -11.68
CA ALA C 9 5.92 19.25 -11.73
C ALA C 9 6.16 20.13 -10.50
N GLU C 10 5.11 20.81 -10.04
CA GLU C 10 5.26 21.69 -8.88
C GLU C 10 5.53 20.92 -7.58
N TYR C 11 5.47 19.59 -7.65
CA TYR C 11 5.72 18.75 -6.48
C TYR C 11 7.03 17.99 -6.59
N TYR C 12 7.70 18.14 -7.73
CA TYR C 12 8.96 17.44 -7.96
C TYR C 12 10.04 17.68 -6.91
N ASP C 13 10.30 18.94 -6.59
CA ASP C 13 11.33 19.27 -5.60
C ASP C 13 10.99 18.78 -4.19
N THR C 14 9.69 18.65 -3.90
CA THR C 14 9.25 18.16 -2.60
C THR C 14 9.52 16.66 -2.53
N ILE C 15 9.10 15.94 -3.57
CA ILE C 15 9.28 14.49 -3.65
C ILE C 15 10.76 14.14 -3.61
N TYR C 16 11.59 14.94 -4.26
CA TYR C 16 13.02 14.67 -4.29
C TYR C 16 13.84 15.60 -3.42
N ARG C 17 13.33 15.87 -2.22
CA ARG C 17 13.99 16.73 -1.25
C ARG C 17 15.41 16.25 -0.95
N ARG C 18 15.55 14.94 -0.78
CA ARG C 18 16.86 14.35 -0.48
C ARG C 18 17.83 14.53 -1.65
N ARG C 19 17.35 14.27 -2.87
CA ARG C 19 18.19 14.41 -4.06
C ARG C 19 18.74 15.83 -4.12
N ILE C 20 18.02 16.77 -3.50
CA ILE C 20 18.43 18.17 -3.47
C ILE C 20 19.43 18.47 -2.35
N GLU C 21 19.19 17.91 -1.18
CA GLU C 21 20.06 18.12 -0.01
C GLU C 21 21.51 17.76 -0.26
N ARG C 22 21.75 16.87 -1.21
CA ARG C 22 23.11 16.43 -1.52
C ARG C 22 23.59 16.83 -2.91
N VAL C 23 22.98 17.86 -3.48
CA VAL C 23 23.37 18.32 -4.81
C VAL C 23 24.79 18.89 -4.80
N LYS C 24 25.17 19.51 -3.69
CA LYS C 24 26.50 20.10 -3.56
C LYS C 24 27.57 19.03 -3.56
N ALA C 25 27.29 17.91 -2.89
CA ALA C 25 28.22 16.80 -2.86
C ALA C 25 28.41 16.26 -4.27
N GLU C 26 27.31 16.17 -5.01
CA GLU C 26 27.36 15.67 -6.38
C GLU C 26 28.13 16.58 -7.34
N ILE C 27 27.92 17.89 -7.24
CA ILE C 27 28.63 18.80 -8.13
C ILE C 27 30.12 18.88 -7.78
N ASP C 28 30.45 18.59 -6.52
CA ASP C 28 31.85 18.58 -6.12
C ASP C 28 32.52 17.48 -6.95
N PHE C 29 31.85 16.34 -7.03
CA PHE C 29 32.37 15.21 -7.79
C PHE C 29 32.44 15.56 -9.27
N VAL C 30 31.39 16.20 -9.77
CA VAL C 30 31.36 16.61 -11.17
C VAL C 30 32.55 17.51 -11.50
N GLU C 31 32.89 18.43 -10.60
CA GLU C 31 34.02 19.32 -10.86
C GLU C 31 35.33 18.51 -10.85
N GLU C 32 35.38 17.49 -10.01
CA GLU C 32 36.58 16.66 -9.92
C GLU C 32 36.78 15.98 -11.28
N ILE C 33 35.66 15.62 -11.92
CA ILE C 33 35.70 14.97 -13.23
C ILE C 33 36.14 15.97 -14.31
N PHE C 34 35.68 17.22 -14.19
CA PHE C 34 36.05 18.25 -15.14
C PHE C 34 37.56 18.48 -15.05
N LYS C 35 38.03 18.53 -13.81
CA LYS C 35 39.44 18.77 -13.52
C LYS C 35 40.38 17.62 -13.87
N GLU C 36 39.96 16.40 -13.63
CA GLU C 36 40.80 15.23 -13.89
C GLU C 36 40.57 14.44 -15.17
N ASP C 37 39.33 14.41 -15.67
CA ASP C 37 39.03 13.64 -16.88
C ASP C 37 38.91 14.45 -18.16
N ALA C 38 38.47 15.70 -18.05
CA ALA C 38 38.32 16.56 -19.21
C ALA C 38 39.70 17.00 -19.71
N LYS C 39 39.88 16.97 -21.03
CA LYS C 39 41.15 17.38 -21.61
C LYS C 39 41.11 18.81 -22.12
N ARG C 40 40.22 19.60 -21.54
CA ARG C 40 40.07 21.00 -21.89
C ARG C 40 39.37 21.69 -20.72
N GLU C 41 39.46 23.02 -20.68
CA GLU C 41 38.80 23.77 -19.62
C GLU C 41 37.30 23.71 -19.82
N VAL C 42 36.56 23.49 -18.74
CA VAL C 42 35.11 23.41 -18.82
C VAL C 42 34.48 24.72 -18.35
N ARG C 43 33.85 25.43 -19.29
CA ARG C 43 33.19 26.69 -18.99
C ARG C 43 31.72 26.63 -19.37
N ARG C 44 31.45 26.19 -20.59
CA ARG C 44 30.08 26.11 -21.11
C ARG C 44 29.56 24.68 -20.98
N VAL C 45 28.47 24.53 -20.24
CA VAL C 45 27.87 23.22 -20.00
C VAL C 45 26.45 23.10 -20.51
N LEU C 46 26.15 21.96 -21.14
CA LEU C 46 24.81 21.66 -21.63
C LEU C 46 24.22 20.56 -20.74
N ASP C 47 23.22 20.92 -19.93
CA ASP C 47 22.57 19.96 -19.04
C ASP C 47 21.29 19.44 -19.69
N LEU C 48 21.36 18.23 -20.23
CA LEU C 48 20.24 17.57 -20.91
C LEU C 48 19.18 17.02 -19.94
N ALA C 49 17.91 17.21 -20.27
CA ALA C 49 16.82 16.75 -19.42
C ALA C 49 17.04 17.31 -18.01
N CYS C 50 17.18 18.63 -17.96
CA CYS C 50 17.45 19.37 -16.72
C CYS C 50 16.36 19.38 -15.65
N GLY C 51 15.12 19.08 -16.02
CA GLY C 51 14.05 19.07 -15.04
C GLY C 51 13.86 20.42 -14.37
N THR C 52 13.76 20.42 -13.04
CA THR C 52 13.59 21.65 -12.29
C THR C 52 14.94 22.31 -12.04
N GLY C 53 15.96 21.85 -12.77
CA GLY C 53 17.30 22.40 -12.66
C GLY C 53 18.02 22.29 -11.34
N ILE C 54 17.79 21.23 -10.57
CA ILE C 54 18.46 21.08 -9.27
C ILE C 54 19.98 21.14 -9.42
N PRO C 55 20.57 20.33 -10.32
CA PRO C 55 22.03 20.39 -10.46
C PRO C 55 22.43 21.53 -11.38
N THR C 56 21.50 21.93 -12.25
CA THR C 56 21.74 23.02 -13.20
C THR C 56 22.05 24.30 -12.44
N LEU C 57 21.27 24.56 -11.40
CA LEU C 57 21.43 25.76 -10.57
C LEU C 57 22.72 25.72 -9.77
N GLU C 58 23.10 24.53 -9.31
CA GLU C 58 24.31 24.38 -8.53
C GLU C 58 25.54 24.67 -9.39
N LEU C 59 25.50 24.23 -10.65
CA LEU C 59 26.60 24.49 -11.57
C LEU C 59 26.71 25.98 -11.84
N ALA C 60 25.60 26.60 -12.25
CA ALA C 60 25.58 28.04 -12.54
C ALA C 60 26.13 28.84 -11.36
N GLU C 61 25.70 28.46 -10.16
CA GLU C 61 26.14 29.14 -8.95
C GLU C 61 27.65 29.08 -8.77
N ARG C 62 28.30 28.13 -9.43
CA ARG C 62 29.74 27.98 -9.33
C ARG C 62 30.50 28.67 -10.47
N GLY C 63 29.79 29.43 -11.29
CA GLY C 63 30.45 30.16 -12.37
C GLY C 63 30.31 29.57 -13.77
N TYR C 64 29.74 28.38 -13.88
CA TYR C 64 29.59 27.77 -15.20
C TYR C 64 28.49 28.45 -15.99
N GLU C 65 28.67 28.49 -17.32
CA GLU C 65 27.68 29.05 -18.22
C GLU C 65 26.89 27.81 -18.62
N VAL C 66 25.66 27.70 -18.13
CA VAL C 66 24.86 26.52 -18.40
C VAL C 66 23.60 26.73 -19.22
N VAL C 67 23.34 25.75 -20.09
CA VAL C 67 22.16 25.75 -20.94
C VAL C 67 21.41 24.50 -20.51
N GLY C 68 20.19 24.66 -20.02
CA GLY C 68 19.40 23.53 -19.59
C GLY C 68 18.33 23.23 -20.63
N LEU C 69 18.19 21.96 -20.98
CA LEU C 69 17.20 21.53 -21.98
C LEU C 69 16.27 20.48 -21.38
N ASP C 70 14.96 20.66 -21.55
CA ASP C 70 14.00 19.70 -21.05
C ASP C 70 12.78 19.62 -21.94
N LEU C 71 12.19 18.44 -22.02
CA LEU C 71 11.02 18.22 -22.84
C LEU C 71 9.77 18.92 -22.29
N HIS C 72 9.67 19.04 -20.98
CA HIS C 72 8.49 19.63 -20.38
C HIS C 72 8.58 21.04 -19.82
N GLU C 73 7.73 21.92 -20.35
CA GLU C 73 7.68 23.30 -19.93
C GLU C 73 7.31 23.41 -18.46
N GLU C 74 6.49 22.47 -17.97
CA GLU C 74 6.08 22.50 -16.56
C GLU C 74 7.28 22.40 -15.62
N MET C 75 8.30 21.65 -16.02
CA MET C 75 9.50 21.50 -15.21
C MET C 75 10.37 22.75 -15.35
N LEU C 76 10.51 23.24 -16.58
CA LEU C 76 11.31 24.44 -16.82
C LEU C 76 10.74 25.62 -16.04
N ARG C 77 9.41 25.69 -15.93
CA ARG C 77 8.77 26.78 -15.19
C ARG C 77 9.32 26.85 -13.77
N VAL C 78 9.52 25.68 -13.16
CA VAL C 78 10.05 25.63 -11.80
C VAL C 78 11.52 26.03 -11.79
N ALA C 79 12.28 25.56 -12.77
CA ALA C 79 13.71 25.89 -12.86
C ALA C 79 13.93 27.40 -13.01
N ARG C 80 13.21 28.01 -13.96
CA ARG C 80 13.34 29.44 -14.20
C ARG C 80 12.97 30.23 -12.96
N ARG C 81 11.91 29.80 -12.29
CA ARG C 81 11.46 30.46 -11.08
C ARG C 81 12.56 30.47 -10.04
N LYS C 82 13.25 29.35 -9.89
CA LYS C 82 14.33 29.26 -8.91
C LYS C 82 15.56 30.03 -9.38
N ALA C 83 15.83 30.01 -10.68
CA ALA C 83 16.97 30.73 -11.23
C ALA C 83 16.76 32.22 -10.96
N LYS C 84 15.53 32.67 -11.17
CA LYS C 84 15.15 34.07 -10.95
C LYS C 84 15.34 34.45 -9.48
N GLU C 85 14.78 33.63 -8.59
CA GLU C 85 14.86 33.87 -7.15
C GLU C 85 16.29 33.94 -6.62
N ARG C 86 17.17 33.14 -7.20
CA ARG C 86 18.57 33.10 -6.76
C ARG C 86 19.45 33.96 -7.65
N ASN C 87 18.82 34.72 -8.54
CA ASN C 87 19.53 35.61 -9.46
C ASN C 87 20.68 34.90 -10.17
N LEU C 88 20.35 33.78 -10.83
CA LEU C 88 21.33 33.00 -11.56
C LEU C 88 20.95 33.05 -13.03
N LYS C 89 21.93 33.35 -13.89
CA LYS C 89 21.70 33.43 -15.31
C LYS C 89 21.89 32.06 -15.94
N ILE C 90 20.80 31.51 -16.49
CA ILE C 90 20.84 30.20 -17.12
C ILE C 90 19.88 30.21 -18.30
N GLU C 91 20.30 29.61 -19.41
CA GLU C 91 19.43 29.55 -20.58
C GLU C 91 18.68 28.22 -20.56
N PHE C 92 17.41 28.28 -20.17
CA PHE C 92 16.55 27.10 -20.11
C PHE C 92 15.73 26.99 -21.37
N LEU C 93 15.92 25.89 -22.10
CA LEU C 93 15.23 25.66 -23.36
C LEU C 93 14.32 24.43 -23.32
N GLN C 94 13.25 24.47 -24.09
CA GLN C 94 12.32 23.35 -24.18
C GLN C 94 12.69 22.58 -25.44
N GLY C 95 12.75 21.26 -25.33
CA GLY C 95 13.09 20.45 -26.49
C GLY C 95 13.43 19.02 -26.14
N ASP C 96 13.45 18.17 -27.15
CA ASP C 96 13.76 16.76 -26.99
C ASP C 96 15.28 16.60 -27.10
N VAL C 97 15.90 15.91 -26.15
CA VAL C 97 17.34 15.72 -26.20
C VAL C 97 17.78 14.91 -27.41
N LEU C 98 16.86 14.11 -27.97
CA LEU C 98 17.19 13.30 -29.13
C LEU C 98 17.23 14.12 -30.41
N GLU C 99 16.83 15.38 -30.32
CA GLU C 99 16.79 16.26 -31.49
C GLU C 99 17.77 17.42 -31.41
N ILE C 100 18.68 17.41 -30.44
CA ILE C 100 19.64 18.50 -30.34
C ILE C 100 20.50 18.51 -31.60
N ALA C 101 20.99 19.69 -31.97
CA ALA C 101 21.81 19.84 -33.16
C ALA C 101 23.07 20.67 -32.90
N PHE C 102 23.43 20.79 -31.63
CA PHE C 102 24.62 21.55 -31.25
C PHE C 102 25.84 20.91 -31.89
N LYS C 103 26.89 21.69 -32.09
CA LYS C 103 28.11 21.20 -32.72
C LYS C 103 29.35 21.90 -32.18
N ASN C 104 30.28 21.13 -31.62
CA ASN C 104 31.52 21.68 -31.09
C ASN C 104 31.25 22.97 -30.31
N GLU C 105 30.15 22.97 -29.56
CA GLU C 105 29.73 24.14 -28.81
C GLU C 105 29.84 24.10 -27.27
N PHE C 106 29.95 22.90 -26.70
CA PHE C 106 30.04 22.77 -25.25
C PHE C 106 31.29 22.05 -24.77
N ASP C 107 31.78 22.47 -23.60
CA ASP C 107 32.96 21.87 -23.00
C ASP C 107 32.55 20.58 -22.29
N ALA C 108 31.27 20.52 -21.91
CA ALA C 108 30.74 19.35 -21.22
C ALA C 108 29.23 19.25 -21.43
N VAL C 109 28.73 18.02 -21.44
CA VAL C 109 27.30 17.77 -21.60
C VAL C 109 26.92 16.84 -20.45
N THR C 110 25.86 17.18 -19.72
CA THR C 110 25.44 16.36 -18.60
C THR C 110 23.99 15.88 -18.67
N MET C 111 23.73 14.79 -17.97
CA MET C 111 22.39 14.23 -17.89
C MET C 111 22.34 13.61 -16.50
N PHE C 112 21.69 14.32 -15.58
CA PHE C 112 21.61 13.89 -14.19
C PHE C 112 20.36 13.15 -13.75
N PHE C 113 20.57 12.26 -12.78
CA PHE C 113 19.51 11.48 -12.15
C PHE C 113 18.78 10.40 -12.93
N SER C 114 19.55 9.43 -13.43
CA SER C 114 19.01 8.26 -14.11
C SER C 114 18.18 8.41 -15.38
N THR C 115 18.22 9.56 -16.03
CA THR C 115 17.41 9.76 -17.22
C THR C 115 17.72 8.87 -18.43
N ILE C 116 18.93 8.29 -18.51
CA ILE C 116 19.21 7.45 -19.66
C ILE C 116 18.26 6.26 -19.69
N MET C 117 17.65 5.96 -18.55
CA MET C 117 16.71 4.84 -18.48
C MET C 117 15.46 5.06 -19.33
N TYR C 118 15.23 6.30 -19.74
CA TYR C 118 14.07 6.64 -20.56
C TYR C 118 14.25 6.27 -22.04
N PHE C 119 15.48 5.92 -22.42
CA PHE C 119 15.77 5.60 -23.82
C PHE C 119 16.18 4.15 -24.05
N ASP C 120 15.63 3.53 -25.09
CA ASP C 120 16.01 2.15 -25.39
C ASP C 120 17.37 2.18 -26.08
N GLU C 121 17.91 1.01 -26.39
CA GLU C 121 19.23 0.93 -27.02
C GLU C 121 19.41 1.85 -28.23
N GLU C 122 18.50 1.76 -29.18
CA GLU C 122 18.55 2.57 -30.39
C GLU C 122 18.64 4.06 -30.09
N ASP C 123 17.74 4.56 -29.25
CA ASP C 123 17.73 5.98 -28.91
C ASP C 123 18.91 6.40 -28.06
N LEU C 124 19.46 5.48 -27.29
CA LEU C 124 20.61 5.80 -26.45
C LEU C 124 21.82 6.03 -27.35
N ARG C 125 21.89 5.30 -28.45
CA ARG C 125 22.99 5.45 -29.39
C ARG C 125 22.85 6.81 -30.08
N LYS C 126 21.62 7.14 -30.47
CA LYS C 126 21.34 8.41 -31.12
C LYS C 126 21.74 9.55 -30.19
N LEU C 127 21.37 9.44 -28.91
CA LEU C 127 21.70 10.47 -27.94
C LEU C 127 23.21 10.62 -27.82
N PHE C 128 23.91 9.50 -27.58
CA PHE C 128 25.35 9.54 -27.44
C PHE C 128 26.02 10.15 -28.68
N SER C 129 25.48 9.85 -29.86
CA SER C 129 26.05 10.38 -31.10
C SER C 129 25.91 11.90 -31.12
N LYS C 130 24.72 12.40 -30.75
CA LYS C 130 24.43 13.83 -30.71
C LYS C 130 25.30 14.54 -29.66
N VAL C 131 25.46 13.90 -28.50
CA VAL C 131 26.26 14.48 -27.44
C VAL C 131 27.71 14.63 -27.90
N ALA C 132 28.22 13.62 -28.60
CA ALA C 132 29.60 13.68 -29.10
C ALA C 132 29.75 14.83 -30.08
N GLU C 133 28.73 15.04 -30.92
CA GLU C 133 28.76 16.13 -31.90
C GLU C 133 28.74 17.50 -31.22
N ALA C 134 28.03 17.59 -30.10
CA ALA C 134 27.89 18.84 -29.35
C ALA C 134 29.14 19.23 -28.57
N LEU C 135 29.96 18.23 -28.24
CA LEU C 135 31.17 18.47 -27.47
C LEU C 135 32.34 19.04 -28.27
N LYS C 136 33.24 19.72 -27.57
CA LYS C 136 34.43 20.28 -28.18
C LYS C 136 35.52 19.27 -27.86
N PRO C 137 36.59 19.22 -28.66
CA PRO C 137 37.68 18.26 -28.41
C PRO C 137 38.12 18.29 -26.95
N GLY C 138 38.18 17.11 -26.32
CA GLY C 138 38.60 17.04 -24.93
C GLY C 138 37.46 17.28 -23.96
N GLY C 139 36.27 17.55 -24.50
CA GLY C 139 35.12 17.78 -23.65
C GLY C 139 34.64 16.49 -23.03
N VAL C 140 33.71 16.57 -22.07
CA VAL C 140 33.23 15.36 -21.43
C VAL C 140 31.71 15.25 -21.32
N PHE C 141 31.23 14.01 -21.34
CA PHE C 141 29.80 13.72 -21.19
C PHE C 141 29.72 12.99 -19.85
N ILE C 142 28.79 13.41 -19.00
CA ILE C 142 28.62 12.80 -17.68
C ILE C 142 27.15 12.47 -17.41
N THR C 143 26.89 11.24 -16.98
CA THR C 143 25.52 10.83 -16.66
C THR C 143 25.55 9.74 -15.61
N ASP C 144 24.61 9.80 -14.67
CA ASP C 144 24.54 8.81 -13.61
C ASP C 144 23.27 7.98 -13.70
N PHE C 145 23.37 6.73 -13.24
CA PHE C 145 22.23 5.82 -13.23
C PHE C 145 22.43 4.81 -12.11
N PRO C 146 21.33 4.25 -11.58
CA PRO C 146 21.37 3.29 -10.49
C PRO C 146 21.47 1.82 -10.89
N CYS C 147 21.53 0.95 -9.88
CA CYS C 147 21.60 -0.48 -10.11
C CYS C 147 20.20 -1.06 -10.17
N GLY C 155 7.81 -3.68 -4.68
CA GLY C 155 7.06 -2.97 -3.66
C GLY C 155 5.80 -3.71 -3.24
N PRO C 156 4.74 -2.99 -2.83
CA PRO C 156 4.72 -1.53 -2.75
C PRO C 156 5.50 -0.95 -1.57
N VAL C 157 6.12 0.20 -1.81
CA VAL C 157 6.87 0.92 -0.77
C VAL C 157 6.15 2.26 -0.60
N VAL C 158 5.83 2.60 0.64
CA VAL C 158 5.12 3.86 0.90
C VAL C 158 5.95 4.81 1.75
N TRP C 159 5.94 6.08 1.35
CA TRP C 159 6.65 7.10 2.09
C TRP C 159 5.90 8.42 1.98
N ASN C 160 6.34 9.43 2.72
CA ASN C 160 5.63 10.70 2.69
C ASN C 160 6.54 11.91 2.69
N GLU C 161 5.98 13.02 2.21
CA GLU C 161 6.69 14.29 2.15
C GLU C 161 5.64 15.36 2.37
N GLN C 162 6.05 16.62 2.39
CA GLN C 162 5.12 17.69 2.59
C GLN C 162 5.55 18.98 1.91
N LYS C 163 4.59 19.65 1.29
CA LYS C 163 4.84 20.92 0.65
C LYS C 163 3.86 21.91 1.27
N GLY C 164 4.37 22.77 2.15
CA GLY C 164 3.51 23.73 2.80
C GLY C 164 2.51 22.98 3.67
N GLU C 165 1.22 23.22 3.44
CA GLU C 165 0.19 22.55 4.22
C GLU C 165 -0.29 21.25 3.59
N GLU C 166 0.19 20.94 2.40
CA GLU C 166 -0.21 19.71 1.72
C GLU C 166 0.74 18.56 2.03
N LYS C 167 0.18 17.41 2.39
CA LYS C 167 1.00 16.25 2.68
C LYS C 167 0.94 15.31 1.48
N LEU C 168 2.07 14.72 1.14
CA LEU C 168 2.13 13.79 0.01
C LEU C 168 2.41 12.39 0.51
N VAL C 169 1.53 11.45 0.14
CA VAL C 169 1.74 10.06 0.51
C VAL C 169 2.00 9.42 -0.84
N ILE C 170 3.18 8.82 -0.96
CA ILE C 170 3.63 8.22 -2.22
C ILE C 170 3.80 6.72 -2.11
N MET C 171 3.23 6.00 -3.07
CA MET C 171 3.31 4.55 -3.08
C MET C 171 3.92 4.11 -4.40
N ASP C 172 5.09 3.49 -4.33
CA ASP C 172 5.80 3.03 -5.52
C ASP C 172 5.84 1.52 -5.62
N TRP C 173 5.79 1.01 -6.85
CA TRP C 173 5.91 -0.41 -7.09
C TRP C 173 6.41 -0.54 -8.51
N ARG C 174 6.99 -1.69 -8.83
CA ARG C 174 7.53 -1.88 -10.17
C ARG C 174 7.18 -3.24 -10.75
N GLU C 175 7.14 -3.29 -12.07
CA GLU C 175 6.85 -4.53 -12.79
C GLU C 175 8.00 -4.67 -13.77
N VAL C 176 8.83 -5.70 -13.55
CA VAL C 176 10.01 -5.94 -14.37
C VAL C 176 9.87 -7.03 -15.43
N GLU C 177 10.42 -6.76 -16.62
CA GLU C 177 10.43 -7.70 -17.74
C GLU C 177 11.91 -7.88 -18.05
N PRO C 178 12.57 -8.80 -17.32
CA PRO C 178 13.99 -9.10 -17.46
C PRO C 178 14.48 -9.44 -18.86
N ALA C 179 13.71 -10.22 -19.61
CA ALA C 179 14.11 -10.63 -20.95
C ALA C 179 14.38 -9.44 -21.88
N VAL C 180 13.46 -8.48 -21.91
CA VAL C 180 13.61 -7.31 -22.77
C VAL C 180 14.24 -6.14 -22.02
N GLN C 181 14.66 -6.40 -20.78
CA GLN C 181 15.28 -5.37 -19.96
C GLN C 181 14.41 -4.11 -19.86
N LYS C 182 13.14 -4.30 -19.57
CA LYS C 182 12.21 -3.18 -19.42
C LYS C 182 11.75 -3.13 -17.96
N LEU C 183 11.40 -1.94 -17.50
CA LEU C 183 10.94 -1.76 -16.14
C LEU C 183 9.76 -0.79 -16.18
N ARG C 184 8.66 -1.21 -15.57
CA ARG C 184 7.47 -0.36 -15.49
C ARG C 184 7.51 0.24 -14.09
N PHE C 185 7.77 1.54 -14.00
CA PHE C 185 7.81 2.20 -12.69
C PHE C 185 6.49 2.90 -12.42
N LYS C 186 5.80 2.47 -11.38
CA LYS C 186 4.51 3.04 -11.02
C LYS C 186 4.62 3.78 -9.70
N ARG C 187 3.94 4.91 -9.61
CA ARG C 187 3.96 5.71 -8.39
C ARG C 187 2.64 6.42 -8.20
N LEU C 188 1.95 6.09 -7.11
CA LEU C 188 0.68 6.75 -6.81
C LEU C 188 0.99 7.90 -5.86
N VAL C 189 0.68 9.12 -6.28
CA VAL C 189 0.93 10.27 -5.43
C VAL C 189 -0.40 10.81 -4.96
N GLN C 190 -0.61 10.78 -3.65
CA GLN C 190 -1.83 11.29 -3.06
C GLN C 190 -1.48 12.58 -2.33
N ILE C 191 -2.20 13.65 -2.68
CA ILE C 191 -1.99 14.97 -2.11
C ILE C 191 -3.13 15.28 -1.15
N LEU C 192 -2.80 15.36 0.13
CA LEU C 192 -3.79 15.59 1.18
C LEU C 192 -3.85 17.02 1.70
N ARG C 193 -5.05 17.59 1.70
CA ARG C 193 -5.30 18.93 2.20
C ARG C 193 -5.59 18.78 3.69
N PRO C 194 -5.44 19.86 4.47
CA PRO C 194 -5.70 19.78 5.91
C PRO C 194 -7.10 19.28 6.28
N ASN C 195 -8.10 19.60 5.47
CA ASN C 195 -9.46 19.17 5.75
C ASN C 195 -9.77 17.74 5.29
N GLY C 196 -8.75 17.04 4.78
CA GLY C 196 -8.95 15.68 4.34
C GLY C 196 -9.22 15.48 2.86
N GLU C 197 -9.43 16.56 2.12
CA GLU C 197 -9.67 16.44 0.68
C GLU C 197 -8.41 15.89 0.03
N VAL C 198 -8.61 15.04 -0.97
CA VAL C 198 -7.47 14.42 -1.64
C VAL C 198 -7.47 14.54 -3.15
N LYS C 199 -6.28 14.59 -3.71
CA LYS C 199 -6.09 14.59 -5.16
C LYS C 199 -5.04 13.51 -5.36
N ALA C 200 -5.22 12.69 -6.39
CA ALA C 200 -4.27 11.62 -6.64
C ALA C 200 -3.92 11.52 -8.12
N PHE C 201 -2.66 11.22 -8.38
CA PHE C 201 -2.14 11.09 -9.73
C PHE C 201 -1.28 9.84 -9.78
N LEU C 202 -1.35 9.14 -10.90
CA LEU C 202 -0.58 7.92 -11.08
C LEU C 202 0.54 8.10 -12.09
N VAL C 203 1.78 7.90 -11.64
CA VAL C 203 2.96 7.98 -12.49
C VAL C 203 3.12 6.58 -13.06
N ASP C 204 3.28 6.48 -14.38
CA ASP C 204 3.41 5.18 -15.03
C ASP C 204 4.36 5.32 -16.21
N ASP C 205 5.66 5.11 -15.96
CA ASP C 205 6.68 5.24 -16.99
C ASP C 205 7.36 3.93 -17.35
N GLU C 206 7.69 3.77 -18.62
CA GLU C 206 8.39 2.58 -19.07
C GLU C 206 9.87 2.96 -19.11
N LEU C 207 10.69 2.22 -18.38
CA LEU C 207 12.12 2.50 -18.32
C LEU C 207 12.93 1.31 -18.82
N ASN C 208 14.20 1.58 -19.14
CA ASN C 208 15.11 0.57 -19.66
C ASN C 208 16.20 0.25 -18.65
N ILE C 209 16.50 -1.04 -18.50
CA ILE C 209 17.51 -1.50 -17.57
C ILE C 209 18.85 -1.69 -18.24
N TYR C 210 19.88 -1.01 -17.73
CA TYR C 210 21.23 -1.10 -18.27
C TYR C 210 22.23 -1.39 -17.15
N THR C 211 23.26 -2.15 -17.48
CA THR C 211 24.32 -2.46 -16.51
C THR C 211 25.47 -1.52 -16.87
N PRO C 212 26.44 -1.34 -15.95
CA PRO C 212 27.56 -0.45 -16.26
C PRO C 212 28.26 -0.88 -17.55
N ARG C 213 28.43 -2.19 -17.72
CA ARG C 213 29.10 -2.75 -18.90
C ARG C 213 28.39 -2.35 -20.19
N GLU C 214 27.07 -2.46 -20.19
CA GLU C 214 26.25 -2.12 -21.35
C GLU C 214 26.47 -0.68 -21.79
N VAL C 215 26.24 0.25 -20.86
CA VAL C 215 26.40 1.67 -21.16
C VAL C 215 27.78 1.91 -21.75
N ARG C 216 28.82 1.37 -21.13
CA ARG C 216 30.18 1.56 -21.63
C ARG C 216 30.31 1.05 -23.07
N LEU C 217 29.82 -0.16 -23.32
CA LEU C 217 29.89 -0.73 -24.66
C LEU C 217 29.17 0.15 -25.68
N LEU C 218 28.05 0.74 -25.25
CA LEU C 218 27.28 1.60 -26.15
C LEU C 218 27.93 2.97 -26.33
N ALA C 219 28.57 3.47 -25.27
CA ALA C 219 29.22 4.78 -25.31
C ALA C 219 30.59 4.77 -25.99
N GLU C 220 31.37 3.72 -25.78
CA GLU C 220 32.70 3.61 -26.37
C GLU C 220 32.71 3.84 -27.88
N LYS C 221 31.58 3.62 -28.53
CA LYS C 221 31.48 3.80 -29.96
C LYS C 221 31.53 5.27 -30.36
N TYR C 222 31.18 6.15 -29.43
CA TYR C 222 31.13 7.58 -29.70
C TYR C 222 32.15 8.45 -28.96
N PHE C 223 32.78 7.88 -27.94
CA PHE C 223 33.78 8.62 -27.17
C PHE C 223 35.10 7.86 -27.17
N GLU C 224 36.19 8.56 -27.49
CA GLU C 224 37.51 7.94 -27.52
C GLU C 224 37.83 7.24 -26.21
N LYS C 225 37.28 7.75 -25.12
CA LYS C 225 37.53 7.18 -23.82
C LYS C 225 36.26 7.22 -22.96
N VAL C 226 35.90 6.08 -22.40
CA VAL C 226 34.72 5.99 -21.54
C VAL C 226 35.10 5.34 -20.22
N LYS C 227 34.79 6.04 -19.13
CA LYS C 227 35.09 5.55 -17.80
C LYS C 227 33.83 5.27 -16.99
N ILE C 228 33.91 4.31 -16.08
CA ILE C 228 32.78 3.95 -15.22
C ILE C 228 33.17 4.19 -13.77
N TYR C 229 32.45 5.10 -13.11
CA TYR C 229 32.73 5.40 -11.71
C TYR C 229 31.54 5.07 -10.84
N GLY C 230 31.75 5.05 -9.53
CA GLY C 230 30.67 4.77 -8.61
C GLY C 230 30.83 5.52 -7.29
N ASN C 231 29.70 5.72 -6.60
CA ASN C 231 29.67 6.39 -5.31
C ASN C 231 30.53 7.65 -5.16
N LEU C 232 30.33 8.62 -6.05
CA LEU C 232 31.06 9.88 -6.02
C LEU C 232 32.58 9.78 -5.87
N LYS C 233 33.20 8.86 -6.61
CA LYS C 233 34.64 8.69 -6.58
C LYS C 233 35.10 8.27 -7.97
N ARG C 234 36.25 8.77 -8.39
CA ARG C 234 36.78 8.43 -9.71
C ARG C 234 37.38 7.03 -9.73
N GLU C 235 36.61 6.10 -9.17
CA GLU C 235 36.98 4.69 -9.11
C GLU C 235 35.69 3.89 -8.98
N LEU C 236 35.76 2.59 -9.27
CA LEU C 236 34.58 1.73 -9.19
C LEU C 236 34.84 0.57 -8.24
N SER C 237 34.07 0.53 -7.15
CA SER C 237 34.20 -0.54 -6.17
C SER C 237 33.12 -1.59 -6.37
N PRO C 238 33.46 -2.88 -6.17
CA PRO C 238 32.58 -4.04 -6.31
C PRO C 238 31.13 -3.89 -5.85
N ASN C 239 30.93 -3.17 -4.74
CA ASN C 239 29.58 -3.02 -4.21
C ASN C 239 28.90 -1.67 -4.40
N ASP C 240 29.44 -0.82 -5.26
CA ASP C 240 28.81 0.49 -5.50
C ASP C 240 27.44 0.24 -6.11
N MET C 241 26.47 1.10 -5.76
CA MET C 241 25.11 0.95 -6.27
C MET C 241 24.64 2.09 -7.18
N ARG C 242 25.44 3.15 -7.30
CA ARG C 242 25.09 4.26 -8.18
C ARG C 242 26.30 4.46 -9.07
N TYR C 243 26.08 4.45 -10.39
CA TYR C 243 27.17 4.56 -11.33
C TYR C 243 27.18 5.86 -12.13
N TRP C 244 28.38 6.21 -12.58
CA TRP C 244 28.59 7.41 -13.38
C TRP C 244 29.39 7.03 -14.62
N ILE C 245 28.87 7.38 -15.78
CA ILE C 245 29.56 7.10 -17.03
C ILE C 245 30.14 8.42 -17.50
N VAL C 246 31.43 8.41 -17.87
CA VAL C 246 32.09 9.63 -18.33
C VAL C 246 32.69 9.38 -19.71
N GLY C 247 32.19 10.12 -20.71
CA GLY C 247 32.70 9.99 -22.06
C GLY C 247 33.62 11.16 -22.33
N ILE C 248 34.86 10.89 -22.72
CA ILE C 248 35.83 11.93 -23.00
C ILE C 248 36.12 12.01 -24.50
N ALA C 249 35.76 13.14 -25.11
CA ALA C 249 35.96 13.33 -26.54
C ALA C 249 37.45 13.41 -26.86
N LYS C 250 37.84 12.84 -28.00
CA LYS C 250 39.23 12.87 -28.42
C LYS C 250 39.71 14.31 -28.54
N SER C 251 40.86 14.61 -27.95
CA SER C 251 41.42 15.95 -28.00
C SER C 251 42.55 16.03 -29.02
#